data_2OOR
#
_entry.id   2OOR
#
_cell.length_a   72.194
_cell.length_b   74.451
_cell.length_c   204.844
_cell.angle_alpha   90.000
_cell.angle_beta   90.000
_cell.angle_gamma   90.000
#
_symmetry.space_group_name_H-M   'P 21 21 21'
#
loop_
_entity.id
_entity.type
_entity.pdbx_description
1 polymer 'NAD(P) transhydrogenase subunit alpha part 1'
2 polymer 'NAD(P) transhydrogenase subunit beta'
3 non-polymer NICOTINAMIDE-ADENINE-DINUCLEOTIDE
4 non-polymer GLYCEROL
5 non-polymer '1,4,5,6-TETRAHYDRONICOTINAMIDE ADENINE DINUCLEOTIDE PHOSPHATE'
6 water water
#
loop_
_entity_poly.entity_id
_entity_poly.type
_entity_poly.pdbx_seq_one_letter_code
_entity_poly.pdbx_strand_id
1 'polypeptide(L)'
;MKIAIPKERRPGEDRVAISPEVVKKLVGLGFEVIVEQGAGVGASITDDALTAAGATIASTAAQALSQADVVWKVQRPMTA
EEGTDEVALIKEGAVLMCHLGALTNRPVVEALTKRKITAYAMELMPRISRAQSMDILSSQSNLAGYRAVIDGAYEFARAF
PMMMTAAGTVPPARVLVFGVGVAGLQAIATAKRLGAVVMATDVRAATKEQVESLGGKFITVDDEAMKTAETAGGYAKEMG
EEFRKKQAEAVLKELVKTDIAITTALIPGKPAPVLITEEMVTKMKPGSVIIDLAVEAGGNCPLSEPGKIVVKHGVKIVGH
TNVPSRVAADASPLFAKNLLNFLTPHVDKDTKTLVMKLEDETVSGTCVTRDGAIVHPALTGQGA
;
A,B
2 'polypeptide(L)'
;SVKAGSAEDAAFIMKNASKVIIVPGYGMAVAQAQHALREMADVLKKEGVEVSYAIHPVAGRMPGHMNVLLAEANVPYDEV
FELEEINSSFQTADVAFVIGANDVTNPAAKTDPSSPIYGMPILDVEKAGTVLFIKRSMASGYAGVENELFFRNNTMMLFG
DAKKMTEQIVQAMN
;
C
#
loop_
_chem_comp.id
_chem_comp.type
_chem_comp.name
_chem_comp.formula
GOL non-polymer GLYCEROL 'C3 H8 O3'
NAD non-polymer NICOTINAMIDE-ADENINE-DINUCLEOTIDE 'C21 H27 N7 O14 P2'
TXP non-polymer '1,4,5,6-TETRAHYDRONICOTINAMIDE ADENINE DINUCLEOTIDE PHOSPHATE' 'C21 H32 N7 O17 P3'
#
# COMPACT_ATOMS: atom_id res chain seq x y z
N MET A 1 -2.65 42.58 22.94
CA MET A 1 -1.65 41.49 23.12
C MET A 1 -1.36 40.80 21.79
N LYS A 2 -0.12 40.36 21.59
CA LYS A 2 0.36 39.86 20.30
C LYS A 2 0.97 38.46 20.39
N ILE A 3 0.66 37.62 19.40
CA ILE A 3 1.19 36.25 19.29
C ILE A 3 1.97 36.13 17.98
N ALA A 4 3.03 35.32 17.98
CA ALA A 4 3.88 35.14 16.80
C ALA A 4 4.32 33.69 16.61
N ILE A 5 4.41 33.27 15.35
CA ILE A 5 4.84 31.92 14.98
C ILE A 5 5.88 32.03 13.86
N PRO A 6 7.16 31.69 14.14
CA PRO A 6 8.16 31.70 13.08
C PRO A 6 8.17 30.41 12.24
N LYS A 7 8.94 30.44 11.16
CA LYS A 7 9.20 29.26 10.33
C LYS A 7 10.29 28.42 10.97
N GLU A 8 10.19 27.10 10.82
CA GLU A 8 11.12 26.15 11.42
C GLU A 8 12.45 26.08 10.64
N ARG A 9 13.49 26.69 11.20
CA ARG A 9 14.80 26.77 10.54
C ARG A 9 15.66 25.49 10.62
N ARG A 10 15.32 24.56 11.51
CA ARG A 10 16.14 23.36 11.73
C ARG A 10 16.11 22.42 10.51
N PRO A 11 17.25 21.75 10.19
CA PRO A 11 17.33 20.87 9.02
C PRO A 11 16.23 19.79 8.94
N GLY A 12 15.39 19.89 7.91
CA GLY A 12 14.35 18.91 7.65
C GLY A 12 13.00 19.14 8.31
N GLU A 13 12.92 20.06 9.28
CA GLU A 13 11.68 20.31 10.00
C GLU A 13 10.69 21.09 9.14
N ASP A 14 9.73 20.37 8.55
CA ASP A 14 8.72 20.96 7.66
C ASP A 14 7.41 21.36 8.37
N ARG A 15 7.32 21.08 9.69
CA ARG A 15 6.13 21.44 10.46
C ARG A 15 6.09 22.93 10.80
N VAL A 16 4.96 23.35 11.37
CA VAL A 16 4.77 24.72 11.89
C VAL A 16 3.76 24.64 13.04
N ALA A 17 3.85 25.58 13.99
CA ALA A 17 2.96 25.60 15.16
C ALA A 17 1.74 26.51 14.95
N ILE A 18 1.05 26.35 13.82
CA ILE A 18 -0.12 27.18 13.49
C ILE A 18 -0.97 26.55 12.39
N SER A 19 -2.24 26.93 12.34
CA SER A 19 -3.13 26.64 11.21
C SER A 19 -4.16 27.78 11.09
N PRO A 20 -4.85 27.90 9.93
CA PRO A 20 -5.90 28.93 9.76
C PRO A 20 -7.02 28.87 10.80
N GLU A 21 -7.45 27.66 11.18
CA GLU A 21 -8.45 27.47 12.23
C GLU A 21 -7.98 28.02 13.58
N VAL A 22 -6.74 27.75 13.93
CA VAL A 22 -6.17 28.18 15.22
C VAL A 22 -5.96 29.70 15.28
N VAL A 23 -5.62 30.32 14.15
CA VAL A 23 -5.52 31.79 14.04
C VAL A 23 -6.83 32.45 14.44
N LYS A 24 -7.93 31.97 13.86
CA LYS A 24 -9.28 32.50 14.12
C LYS A 24 -9.68 32.45 15.60
N LYS A 25 -9.32 31.36 16.28
CA LYS A 25 -9.60 31.18 17.70
C LYS A 25 -8.74 32.10 18.57
N LEU A 26 -7.50 32.33 18.17
CA LEU A 26 -6.61 33.28 18.85
C LEU A 26 -7.07 34.74 18.67
N VAL A 27 -7.56 35.08 17.47
CA VAL A 27 -8.19 36.39 17.24
C VAL A 27 -9.44 36.53 18.13
N GLY A 28 -10.22 35.45 18.26
CA GLY A 28 -11.35 35.41 19.19
C GLY A 28 -10.97 35.56 20.66
N LEU A 29 -9.82 35.00 21.04
CA LEU A 29 -9.26 35.19 22.39
C LEU A 29 -8.66 36.59 22.63
N GLY A 30 -8.33 37.29 21.54
CA GLY A 30 -7.80 38.66 21.61
C GLY A 30 -6.31 38.74 21.40
N PHE A 31 -5.82 38.05 20.37
CA PHE A 31 -4.41 38.06 19.98
C PHE A 31 -4.28 38.57 18.54
N GLU A 32 -3.30 39.44 18.31
CA GLU A 32 -2.86 39.78 16.95
C GLU A 32 -1.82 38.74 16.55
N VAL A 33 -2.09 38.01 15.46
CA VAL A 33 -1.28 36.86 15.05
C VAL A 33 -0.34 37.25 13.90
N ILE A 34 0.97 37.28 14.17
CA ILE A 34 1.98 37.58 13.16
C ILE A 34 2.78 36.32 12.83
N VAL A 35 2.37 35.62 11.77
CA VAL A 35 3.08 34.46 11.27
C VAL A 35 4.16 34.94 10.30
N GLU A 36 5.30 34.26 10.29
CA GLU A 36 6.40 34.57 9.36
C GLU A 36 6.02 34.15 7.94
N GLN A 37 6.50 34.92 6.96
CA GLN A 37 6.20 34.70 5.54
C GLN A 37 6.72 33.34 5.07
N GLY A 38 5.80 32.47 4.68
CA GLY A 38 6.12 31.13 4.18
C GLY A 38 6.46 30.13 5.27
N ALA A 39 5.89 30.31 6.46
CA ALA A 39 6.12 29.41 7.59
C ALA A 39 5.43 28.05 7.41
N GLY A 40 4.25 28.06 6.78
CA GLY A 40 3.47 26.84 6.53
C GLY A 40 3.65 26.17 5.17
N VAL A 41 4.73 26.50 4.44
CA VAL A 41 4.97 25.95 3.10
C VAL A 41 5.23 24.43 3.14
N GLY A 42 6.03 23.99 4.11
CA GLY A 42 6.26 22.56 4.35
C GLY A 42 5.04 21.80 4.86
N ALA A 43 4.14 22.52 5.54
CA ALA A 43 2.85 21.98 5.99
C ALA A 43 1.69 22.25 5.00
N SER A 44 2.02 22.81 3.83
CA SER A 44 1.02 23.18 2.82
C SER A 44 -0.10 24.10 3.35
N ILE A 45 0.31 25.11 4.11
CA ILE A 45 -0.58 26.17 4.59
C ILE A 45 -0.05 27.50 4.02
N THR A 46 -0.85 28.12 3.15
CA THR A 46 -0.47 29.35 2.47
C THR A 46 -0.58 30.54 3.40
N ASP A 47 0.11 31.62 3.05
CA ASP A 47 0.01 32.89 3.79
C ASP A 47 -1.38 33.51 3.64
N ASP A 48 -1.97 33.37 2.45
CA ASP A 48 -3.34 33.84 2.16
C ASP A 48 -4.38 33.24 3.12
N ALA A 49 -4.28 31.93 3.34
CA ALA A 49 -5.20 31.22 4.25
C ALA A 49 -5.04 31.66 5.71
N LEU A 50 -3.80 31.96 6.10
CA LEU A 50 -3.52 32.63 7.38
C LEU A 50 -4.04 34.06 7.42
N THR A 51 -3.86 34.80 6.33
CA THR A 51 -4.33 36.19 6.22
C THR A 51 -5.86 36.28 6.29
N ALA A 52 -6.55 35.47 5.49
CA ALA A 52 -8.01 35.39 5.51
C ALA A 52 -8.56 34.93 6.87
N ALA A 53 -7.82 34.04 7.53
CA ALA A 53 -8.13 33.61 8.90
C ALA A 53 -7.96 34.73 9.96
N GLY A 54 -7.16 35.74 9.65
CA GLY A 54 -6.99 36.92 10.51
C GLY A 54 -5.57 37.20 11.00
N ALA A 55 -4.58 36.47 10.50
CA ALA A 55 -3.18 36.73 10.84
C ALA A 55 -2.62 37.86 9.96
N THR A 56 -1.48 38.39 10.39
CA THR A 56 -0.67 39.30 9.59
C THR A 56 0.58 38.53 9.15
N ILE A 57 1.14 38.91 7.99
CA ILE A 57 2.38 38.30 7.50
C ILE A 57 3.55 39.21 7.90
N ALA A 58 4.67 38.58 8.30
CA ALA A 58 5.93 39.28 8.54
C ALA A 58 7.01 38.70 7.62
N SER A 59 7.90 39.56 7.13
CA SER A 59 8.89 39.17 6.12
C SER A 59 9.98 38.26 6.67
N THR A 60 10.53 38.62 7.84
CA THR A 60 11.63 37.88 8.47
C THR A 60 11.19 37.28 9.79
N ALA A 61 12.02 36.36 10.29
CA ALA A 61 11.81 35.73 11.60
C ALA A 61 11.97 36.72 12.75
N ALA A 62 12.87 37.69 12.56
CA ALA A 62 13.13 38.72 13.57
C ALA A 62 11.98 39.73 13.70
N GLN A 63 11.39 40.10 12.56
CA GLN A 63 10.24 41.04 12.55
C GLN A 63 8.96 40.42 13.14
N ALA A 64 8.76 39.12 12.92
CA ALA A 64 7.61 38.41 13.49
C ALA A 64 7.64 38.35 15.03
N LEU A 65 8.85 38.16 15.60
CA LEU A 65 9.04 37.98 17.04
C LEU A 65 9.38 39.28 17.81
N SER A 66 9.52 40.40 17.10
CA SER A 66 10.04 41.66 17.68
C SER A 66 9.20 42.23 18.83
N GLN A 67 7.87 42.22 18.67
CA GLN A 67 6.95 42.77 19.66
C GLN A 67 5.99 41.70 20.22
N ALA A 68 6.34 40.42 20.04
CA ALA A 68 5.45 39.31 20.34
C ALA A 68 5.41 39.01 21.85
N ASP A 69 4.22 39.17 22.45
CA ASP A 69 4.02 38.86 23.86
C ASP A 69 4.05 37.35 24.17
N VAL A 70 3.75 36.53 23.16
CA VAL A 70 3.80 35.06 23.30
C VAL A 70 4.28 34.44 21.98
N VAL A 71 5.13 33.41 22.06
CA VAL A 71 5.70 32.75 20.88
C VAL A 71 5.46 31.24 20.90
N TRP A 72 4.93 30.70 19.79
CA TRP A 72 4.75 29.26 19.61
C TRP A 72 5.72 28.70 18.58
N LYS A 73 6.56 27.75 19.01
CA LYS A 73 7.43 26.98 18.11
C LYS A 73 7.05 25.49 18.15
N VAL A 74 7.57 24.73 17.20
CA VAL A 74 7.47 23.26 17.23
C VAL A 74 8.67 22.71 17.99
N GLN A 75 9.85 22.75 17.38
CA GLN A 75 11.09 22.31 18.01
C GLN A 75 11.71 23.49 18.77
N ARG A 76 12.64 23.17 19.66
CA ARG A 76 13.34 24.20 20.44
C ARG A 76 14.11 25.19 19.55
N PRO A 77 14.21 26.47 19.96
CA PRO A 77 14.92 27.45 19.15
C PRO A 77 16.43 27.20 19.12
N MET A 78 17.04 27.49 17.97
CA MET A 78 18.47 27.29 17.78
C MET A 78 19.25 28.39 18.47
N THR A 79 20.26 28.01 19.26
CA THR A 79 21.11 28.97 19.96
C THR A 79 22.24 29.45 19.06
N ALA A 80 22.99 30.45 19.54
CA ALA A 80 24.17 30.97 18.83
C ALA A 80 25.24 29.90 18.62
N GLU A 81 25.35 28.99 19.59
CA GLU A 81 26.22 27.82 19.49
C GLU A 81 25.86 26.88 18.34
N GLU A 82 24.56 26.68 18.11
CA GLU A 82 24.08 25.72 17.10
C GLU A 82 24.30 26.14 15.64
N GLY A 83 24.31 27.44 15.38
CA GLY A 83 24.49 27.97 14.02
C GLY A 83 24.02 29.40 13.85
N THR A 84 22.80 29.68 14.32
CA THR A 84 22.20 31.00 14.23
C THR A 84 21.22 31.20 15.40
N ASP A 85 21.35 32.34 16.09
CA ASP A 85 20.68 32.56 17.37
C ASP A 85 19.25 33.06 17.22
N GLU A 86 18.30 32.12 17.34
CA GLU A 86 16.86 32.43 17.39
C GLU A 86 16.39 32.85 18.78
N VAL A 87 17.12 32.44 19.81
CA VAL A 87 16.72 32.70 21.20
C VAL A 87 16.84 34.20 21.51
N ALA A 88 17.81 34.86 20.87
CA ALA A 88 17.97 36.31 20.97
C ALA A 88 16.91 37.12 20.20
N LEU A 89 16.32 36.53 19.15
CA LEU A 89 15.26 37.20 18.37
C LEU A 89 14.01 37.50 19.20
N ILE A 90 13.69 36.60 20.13
CA ILE A 90 12.47 36.69 20.93
C ILE A 90 12.59 37.88 21.89
N LYS A 91 11.50 38.63 22.03
CA LYS A 91 11.44 39.78 22.94
C LYS A 91 11.59 39.33 24.39
N GLU A 92 12.32 40.10 25.19
CA GLU A 92 12.56 39.75 26.59
C GLU A 92 11.27 39.84 27.42
N GLY A 93 11.06 38.88 28.30
CA GLY A 93 9.85 38.82 29.13
C GLY A 93 8.65 38.11 28.52
N ALA A 94 8.75 37.68 27.25
CA ALA A 94 7.66 36.97 26.57
C ALA A 94 7.57 35.52 27.05
N VAL A 95 6.50 34.83 26.67
CA VAL A 95 6.31 33.42 27.03
C VAL A 95 6.45 32.51 25.79
N LEU A 96 7.12 31.37 25.98
CA LEU A 96 7.50 30.47 24.88
C LEU A 96 6.96 29.06 25.12
N MET A 97 6.15 28.55 24.18
CA MET A 97 5.60 27.20 24.26
C MET A 97 5.99 26.37 23.04
N CYS A 98 6.70 25.26 23.28
CA CYS A 98 7.12 24.35 22.21
C CYS A 98 7.60 23.01 22.79
N HIS A 99 7.90 22.06 21.90
CA HIS A 99 8.60 20.83 22.28
C HIS A 99 10.05 21.23 22.54
N LEU A 100 10.28 21.73 23.75
CA LEU A 100 11.55 22.33 24.13
C LEU A 100 12.64 21.29 24.40
N GLY A 101 12.25 20.06 24.73
CA GLY A 101 13.19 18.99 25.05
C GLY A 101 14.05 19.34 26.25
N ALA A 102 13.40 19.83 27.30
CA ALA A 102 14.05 20.50 28.43
C ALA A 102 15.10 19.67 29.16
N LEU A 103 14.79 18.40 29.42
CA LEU A 103 15.65 17.52 30.23
C LEU A 103 16.98 17.19 29.55
N THR A 104 16.93 16.83 28.28
CA THR A 104 18.13 16.58 27.48
C THR A 104 18.89 17.86 27.12
N ASN A 105 18.15 18.94 26.85
CA ASN A 105 18.73 20.22 26.38
C ASN A 105 18.73 21.29 27.49
N ARG A 106 19.84 21.36 28.22
CA ARG A 106 20.03 22.37 29.29
C ARG A 106 20.58 23.74 28.85
N PRO A 107 21.46 23.80 27.82
CA PRO A 107 21.90 25.10 27.28
C PRO A 107 20.81 26.03 26.73
N VAL A 108 19.81 25.48 26.05
CA VAL A 108 18.68 26.28 25.54
C VAL A 108 17.84 26.90 26.68
N VAL A 109 17.73 26.17 27.80
CA VAL A 109 16.94 26.61 28.96
C VAL A 109 17.55 27.82 29.64
N GLU A 110 18.83 27.72 29.99
CA GLU A 110 19.56 28.82 30.63
C GLU A 110 19.68 30.09 29.76
N ALA A 111 19.68 29.92 28.44
CA ALA A 111 19.64 31.06 27.50
C ALA A 111 18.30 31.80 27.55
N LEU A 112 17.20 31.04 27.56
CA LEU A 112 15.85 31.59 27.76
C LEU A 112 15.69 32.23 29.15
N THR A 113 16.28 31.58 30.16
CA THR A 113 16.30 32.09 31.53
C THR A 113 16.99 33.46 31.61
N LYS A 114 18.16 33.57 30.98
CA LYS A 114 18.94 34.82 30.99
C LYS A 114 18.26 36.03 30.33
N ARG A 115 17.27 35.79 29.46
CA ARG A 115 16.45 36.85 28.86
C ARG A 115 15.05 37.00 29.49
N LYS A 116 14.87 36.49 30.72
CA LYS A 116 13.59 36.56 31.47
C LYS A 116 12.39 35.90 30.79
N ILE A 117 12.65 34.97 29.86
CA ILE A 117 11.61 34.37 29.02
C ILE A 117 11.01 33.16 29.74
N THR A 118 9.67 33.11 29.79
CA THR A 118 8.95 32.03 30.48
C THR A 118 8.70 30.86 29.51
N ALA A 119 9.43 29.77 29.72
CA ALA A 119 9.42 28.63 28.79
C ALA A 119 8.47 27.51 29.26
N TYR A 120 7.69 26.96 28.32
CA TYR A 120 6.74 25.87 28.59
C TYR A 120 7.05 24.65 27.72
N ALA A 121 7.63 23.62 28.34
CA ALA A 121 8.08 22.42 27.65
C ALA A 121 6.94 21.40 27.50
N MET A 122 6.41 21.28 26.29
CA MET A 122 5.16 20.55 26.06
C MET A 122 5.27 19.03 26.17
N GLU A 123 6.47 18.48 25.99
CA GLU A 123 6.71 17.03 26.21
C GLU A 123 6.55 16.60 27.67
N LEU A 124 6.65 17.55 28.59
CA LEU A 124 6.45 17.32 30.03
C LEU A 124 5.00 17.59 30.46
N MET A 125 4.05 17.20 29.62
CA MET A 125 2.63 17.32 29.93
C MET A 125 2.27 16.17 30.87
N PRO A 126 1.59 16.45 31.99
CA PRO A 126 1.15 15.33 32.83
C PRO A 126 0.14 14.45 32.10
N ARG A 127 0.28 13.13 32.27
CA ARG A 127 -0.53 12.16 31.53
C ARG A 127 -1.90 11.96 32.19
N ILE A 128 -2.78 12.94 31.99
CA ILE A 128 -4.14 12.94 32.55
C ILE A 128 -5.18 13.05 31.43
N SER A 129 -6.28 12.31 31.56
CA SER A 129 -7.25 12.12 30.45
C SER A 129 -7.80 13.42 29.84
N ARG A 130 -7.98 14.45 30.66
CA ARG A 130 -8.39 15.77 30.17
C ARG A 130 -7.31 16.48 29.35
N ALA A 131 -6.04 16.14 29.61
CA ALA A 131 -4.91 16.71 28.87
C ALA A 131 -4.53 15.95 27.58
N GLN A 132 -5.31 14.94 27.18
CA GLN A 132 -5.16 14.29 25.86
C GLN A 132 -5.31 15.28 24.70
N SER A 133 -6.21 16.25 24.86
CA SER A 133 -6.42 17.34 23.91
C SER A 133 -5.20 18.24 23.70
N MET A 134 -4.35 18.33 24.73
CA MET A 134 -3.17 19.19 24.71
C MET A 134 -1.83 18.42 24.81
N ASP A 135 -1.85 17.13 24.45
CA ASP A 135 -0.68 16.24 24.56
C ASP A 135 0.00 16.05 23.20
N ILE A 136 1.18 16.67 23.04
CA ILE A 136 1.96 16.59 21.79
C ILE A 136 2.58 15.21 21.49
N LEU A 137 2.81 14.40 22.53
CA LEU A 137 3.37 13.06 22.33
C LEU A 137 2.39 12.16 21.59
N SER A 138 1.12 12.19 22.00
CA SER A 138 0.07 11.36 21.39
C SER A 138 -0.29 11.77 19.96
N SER A 139 -0.47 13.07 19.72
CA SER A 139 -0.85 13.55 18.38
C SER A 139 0.20 13.20 17.34
N GLN A 140 1.47 13.38 17.69
CA GLN A 140 2.59 13.18 16.77
C GLN A 140 2.99 11.72 16.60
N SER A 141 2.98 10.95 17.68
CA SER A 141 3.29 9.52 17.61
C SER A 141 2.21 8.72 16.89
N ASN A 142 0.96 9.18 16.95
CA ASN A 142 -0.14 8.57 16.17
C ASN A 142 0.14 8.64 14.66
N LEU A 143 0.52 9.81 14.18
CA LEU A 143 0.90 9.98 12.77
C LEU A 143 2.20 9.25 12.39
N ALA A 144 3.12 9.11 13.36
CA ALA A 144 4.35 8.37 13.16
C ALA A 144 4.11 6.88 12.98
N GLY A 145 3.10 6.36 13.67
CA GLY A 145 2.65 4.98 13.52
C GLY A 145 2.07 4.68 12.16
N TYR A 146 1.19 5.56 11.68
CA TYR A 146 0.68 5.48 10.31
C TYR A 146 1.84 5.46 9.32
N ARG A 147 2.71 6.45 9.46
CA ARG A 147 3.82 6.68 8.53
C ARG A 147 4.86 5.56 8.49
N ALA A 148 5.07 4.88 9.61
CA ALA A 148 5.91 3.67 9.66
C ALA A 148 5.49 2.59 8.67
N VAL A 149 4.19 2.39 8.53
CA VAL A 149 3.62 1.39 7.61
C VAL A 149 3.79 1.84 6.15
N ILE A 150 3.61 3.14 5.89
CA ILE A 150 3.82 3.72 4.55
C ILE A 150 5.31 3.61 4.18
N ASP A 151 6.18 3.95 5.12
CA ASP A 151 7.63 3.74 4.97
C ASP A 151 7.99 2.28 4.73
N GLY A 152 7.35 1.37 5.47
CA GLY A 152 7.56 -0.06 5.30
C GLY A 152 7.14 -0.56 3.94
N ALA A 153 5.92 -0.23 3.55
CA ALA A 153 5.37 -0.54 2.23
C ALA A 153 6.24 -0.02 1.08
N TYR A 154 6.78 1.18 1.24
CA TYR A 154 7.65 1.81 0.25
C TYR A 154 9.00 1.12 0.10
N GLU A 155 9.55 0.60 1.20
CA GLU A 155 10.86 -0.06 1.16
C GLU A 155 10.75 -1.55 0.82
N PHE A 156 9.54 -2.09 0.89
CA PHE A 156 9.26 -3.50 0.65
C PHE A 156 9.05 -3.72 -0.85
N ALA A 157 9.65 -4.78 -1.39
CA ALA A 157 9.51 -5.17 -2.80
C ALA A 157 8.33 -6.13 -3.08
N ARG A 158 7.41 -6.28 -2.12
CA ARG A 158 6.19 -7.05 -2.31
C ARG A 158 5.00 -6.19 -1.93
N ALA A 159 3.81 -6.69 -2.25
CA ALA A 159 2.56 -6.04 -1.92
C ALA A 159 2.09 -6.48 -0.53
N PHE A 160 1.33 -5.60 0.13
CA PHE A 160 0.73 -5.91 1.44
C PHE A 160 -0.46 -6.88 1.37
N PRO A 161 -1.49 -6.60 0.53
CA PRO A 161 -2.71 -7.42 0.56
C PRO A 161 -2.64 -8.77 -0.17
N MET A 162 -3.49 -9.69 0.28
CA MET A 162 -3.75 -10.93 -0.46
C MET A 162 -4.55 -10.60 -1.73
N MET A 163 -4.13 -11.19 -2.85
CA MET A 163 -4.84 -11.07 -4.13
C MET A 163 -4.79 -12.42 -4.85
N MET A 164 -5.96 -13.06 -4.99
CA MET A 164 -6.09 -14.22 -5.88
C MET A 164 -6.11 -13.67 -7.30
N THR A 165 -5.18 -14.14 -8.14
CA THR A 165 -5.06 -13.68 -9.52
C THR A 165 -4.91 -14.88 -10.46
N ALA A 166 -5.10 -14.62 -11.75
CA ALA A 166 -4.89 -15.62 -12.82
C ALA A 166 -3.45 -16.15 -12.89
N ALA A 167 -2.49 -15.28 -12.55
CA ALA A 167 -1.07 -15.65 -12.48
C ALA A 167 -0.66 -16.35 -11.17
N GLY A 168 -1.60 -16.50 -10.24
CA GLY A 168 -1.35 -17.14 -8.95
C GLY A 168 -1.68 -16.19 -7.81
N THR A 169 -1.66 -16.72 -6.60
CA THR A 169 -1.99 -15.96 -5.40
C THR A 169 -0.77 -15.21 -4.88
N VAL A 170 -0.89 -13.89 -4.72
CA VAL A 170 0.10 -13.11 -3.99
C VAL A 170 -0.35 -13.16 -2.52
N PRO A 171 0.50 -13.71 -1.62
CA PRO A 171 0.08 -13.84 -0.23
C PRO A 171 0.12 -12.50 0.49
N PRO A 172 -0.56 -12.38 1.64
CA PRO A 172 -0.49 -11.13 2.37
C PRO A 172 0.87 -10.96 3.04
N ALA A 173 1.31 -9.73 3.19
CA ALA A 173 2.49 -9.43 4.00
C ALA A 173 2.15 -9.73 5.46
N ARG A 174 3.14 -10.23 6.20
CA ARG A 174 3.01 -10.42 7.64
C ARG A 174 3.74 -9.28 8.34
N VAL A 175 3.03 -8.56 9.20
CA VAL A 175 3.61 -7.44 9.95
C VAL A 175 3.67 -7.83 11.43
N LEU A 176 4.76 -7.46 12.10
CA LEU A 176 4.91 -7.62 13.54
C LEU A 176 5.20 -6.24 14.12
N VAL A 177 4.39 -5.80 15.08
CA VAL A 177 4.61 -4.49 15.72
C VAL A 177 4.99 -4.68 17.20
N PHE A 178 6.20 -4.25 17.53
CA PHE A 178 6.76 -4.36 18.88
C PHE A 178 6.44 -3.08 19.67
N GLY A 179 5.68 -3.22 20.74
CA GLY A 179 5.24 -2.06 21.53
C GLY A 179 3.98 -1.46 20.94
N VAL A 180 2.87 -1.56 21.67
CA VAL A 180 1.55 -1.14 21.22
C VAL A 180 1.10 0.03 22.11
N GLY A 181 1.76 1.16 21.92
CA GLY A 181 1.33 2.44 22.48
C GLY A 181 0.50 3.16 21.43
N VAL A 182 0.61 4.48 21.39
CA VAL A 182 -0.17 5.29 20.44
C VAL A 182 0.28 5.03 19.00
N ALA A 183 1.60 4.97 18.79
CA ALA A 183 2.18 4.71 17.47
C ALA A 183 1.94 3.28 17.00
N GLY A 184 2.14 2.31 17.89
CA GLY A 184 1.91 0.90 17.60
C GLY A 184 0.47 0.52 17.28
N LEU A 185 -0.50 1.15 17.93
CA LEU A 185 -1.91 0.94 17.62
C LEU A 185 -2.29 1.45 16.23
N GLN A 186 -1.77 2.60 15.85
CA GLN A 186 -2.00 3.15 14.50
C GLN A 186 -1.25 2.34 13.43
N ALA A 187 -0.10 1.78 13.78
CA ALA A 187 0.62 0.86 12.89
C ALA A 187 -0.16 -0.42 12.63
N ILE A 188 -0.92 -0.90 13.63
CA ILE A 188 -1.76 -2.09 13.47
C ILE A 188 -2.92 -1.79 12.50
N ALA A 189 -3.63 -0.70 12.76
CA ALA A 189 -4.77 -0.28 11.94
C ALA A 189 -4.41 -0.05 10.48
N THR A 190 -3.31 0.66 10.25
CA THR A 190 -2.86 1.00 8.90
C THR A 190 -2.35 -0.23 8.15
N ALA A 191 -1.65 -1.12 8.86
CA ALA A 191 -1.20 -2.39 8.26
C ALA A 191 -2.38 -3.30 7.93
N LYS A 192 -3.35 -3.37 8.82
CA LYS A 192 -4.59 -4.13 8.57
C LYS A 192 -5.46 -3.52 7.47
N ARG A 193 -5.51 -2.20 7.38
CA ARG A 193 -6.13 -1.48 6.26
C ARG A 193 -5.58 -1.93 4.92
N LEU A 194 -4.26 -2.10 4.82
CA LEU A 194 -3.60 -2.57 3.59
C LEU A 194 -3.64 -4.09 3.34
N GLY A 195 -4.30 -4.84 4.22
CA GLY A 195 -4.52 -6.28 4.00
C GLY A 195 -3.48 -7.21 4.60
N ALA A 196 -2.58 -6.68 5.44
CA ALA A 196 -1.56 -7.50 6.09
C ALA A 196 -2.12 -8.28 7.27
N VAL A 197 -1.51 -9.43 7.55
CA VAL A 197 -1.75 -10.17 8.79
C VAL A 197 -0.84 -9.54 9.83
N VAL A 198 -1.40 -9.09 10.95
CA VAL A 198 -0.65 -8.28 11.92
C VAL A 198 -0.53 -9.02 13.27
N MET A 199 0.71 -9.26 13.68
CA MET A 199 1.04 -9.71 15.04
C MET A 199 1.51 -8.52 15.83
N ALA A 200 1.44 -8.62 17.15
CA ALA A 200 1.95 -7.56 18.02
C ALA A 200 2.24 -8.05 19.44
N THR A 201 3.12 -7.33 20.12
CA THR A 201 3.50 -7.64 21.49
C THR A 201 3.84 -6.38 22.28
N ASP A 202 3.72 -6.49 23.60
CA ASP A 202 3.97 -5.41 24.54
C ASP A 202 4.14 -6.02 25.93
N VAL A 203 4.69 -5.23 26.85
CA VAL A 203 4.81 -5.61 28.26
C VAL A 203 3.52 -5.36 29.07
N ARG A 204 2.71 -4.38 28.66
CA ARG A 204 1.48 -4.04 29.35
C ARG A 204 0.36 -5.03 29.04
N ALA A 205 -0.45 -5.35 30.04
CA ALA A 205 -1.51 -6.36 29.92
C ALA A 205 -2.76 -5.84 29.19
N ALA A 206 -3.12 -4.59 29.45
CA ALA A 206 -4.33 -3.99 28.89
C ALA A 206 -4.33 -3.80 27.36
N THR A 207 -3.14 -3.81 26.75
CA THR A 207 -3.02 -3.63 25.32
C THR A 207 -3.34 -4.89 24.48
N LYS A 208 -3.45 -6.05 25.12
CA LYS A 208 -3.85 -7.29 24.43
C LYS A 208 -5.26 -7.20 23.85
N GLU A 209 -6.19 -6.64 24.63
CA GLU A 209 -7.56 -6.39 24.17
C GLU A 209 -7.58 -5.37 23.03
N GLN A 210 -6.73 -4.36 23.12
CA GLN A 210 -6.62 -3.32 22.08
C GLN A 210 -6.12 -3.86 20.74
N VAL A 211 -5.15 -4.76 20.79
CA VAL A 211 -4.63 -5.43 19.60
C VAL A 211 -5.72 -6.28 18.93
N GLU A 212 -6.47 -7.03 19.74
CA GLU A 212 -7.55 -7.90 19.26
C GLU A 212 -8.77 -7.14 18.75
N SER A 213 -9.05 -5.97 19.34
CA SER A 213 -10.10 -5.08 18.84
C SER A 213 -9.79 -4.52 17.44
N LEU A 214 -8.50 -4.34 17.15
CA LEU A 214 -8.04 -3.93 15.82
C LEU A 214 -7.84 -5.10 14.84
N GLY A 215 -8.13 -6.32 15.26
CA GLY A 215 -8.00 -7.51 14.39
C GLY A 215 -6.62 -8.15 14.36
N GLY A 216 -5.67 -7.65 15.15
CA GLY A 216 -4.37 -8.29 15.30
C GLY A 216 -4.42 -9.47 16.26
N LYS A 217 -3.39 -10.30 16.22
CA LYS A 217 -3.23 -11.40 17.16
C LYS A 217 -2.05 -11.13 18.09
N PHE A 218 -2.29 -11.20 19.40
CA PHE A 218 -1.31 -10.82 20.40
C PHE A 218 -0.33 -11.96 20.69
N ILE A 219 0.92 -11.60 21.00
CA ILE A 219 1.94 -12.55 21.43
C ILE A 219 2.14 -12.40 22.95
N THR A 220 1.54 -13.31 23.71
CA THR A 220 1.73 -13.37 25.16
C THR A 220 3.12 -13.95 25.47
N VAL A 221 3.70 -13.51 26.57
CA VAL A 221 5.05 -13.96 26.99
C VAL A 221 5.08 -14.32 28.47
N ASP A 222 4.79 -13.34 29.34
CA ASP A 222 4.85 -13.52 30.80
C ASP A 222 3.64 -12.82 31.44
N ASP A 223 2.46 -13.37 31.17
CA ASP A 223 1.17 -12.88 31.69
C ASP A 223 1.17 -12.61 33.20
N GLU A 224 1.91 -13.42 33.95
CA GLU A 224 2.16 -13.16 35.38
C GLU A 224 2.85 -11.82 35.60
N ALA A 225 3.95 -11.60 34.88
CA ALA A 225 4.77 -10.37 35.01
C ALA A 225 4.23 -9.14 34.27
N MET A 226 3.28 -9.33 33.35
CA MET A 226 2.68 -8.20 32.61
C MET A 226 1.73 -7.34 33.46
N LYS A 227 1.22 -7.91 34.55
CA LYS A 227 0.39 -7.14 35.51
C LYS A 227 1.21 -6.15 36.35
N THR A 228 2.51 -6.42 36.52
CA THR A 228 3.43 -5.51 37.23
C THR A 228 4.35 -4.76 36.24
N ALA A 229 3.79 -4.37 35.09
CA ALA A 229 4.54 -3.76 33.98
C ALA A 229 4.22 -2.27 33.81
N GLU A 230 2.94 -1.92 33.86
CA GLU A 230 2.49 -0.53 33.70
C GLU A 230 2.69 0.26 35.00
N THR A 231 3.09 1.52 34.85
CA THR A 231 3.29 2.44 35.99
C THR A 231 1.98 3.14 36.36
N ALA A 232 2.02 3.95 37.41
CA ALA A 232 0.89 4.81 37.80
C ALA A 232 0.57 5.84 36.70
N GLY A 233 1.61 6.38 36.07
CA GLY A 233 1.46 7.31 34.95
C GLY A 233 1.09 6.69 33.61
N GLY A 234 1.19 5.36 33.51
CA GLY A 234 0.79 4.62 32.31
C GLY A 234 1.91 4.19 31.37
N TYR A 235 3.16 4.43 31.76
CA TYR A 235 4.33 4.14 30.90
C TYR A 235 5.04 2.87 31.38
N ALA A 236 5.88 2.30 30.52
CA ALA A 236 6.56 1.04 30.81
C ALA A 236 7.80 1.26 31.69
N LYS A 237 8.26 0.16 32.29
CA LYS A 237 9.48 0.13 33.11
C LYS A 237 10.45 -0.87 32.51
N GLU A 238 11.72 -0.81 32.94
CA GLU A 238 12.73 -1.78 32.51
C GLU A 238 12.43 -3.17 33.09
N MET A 239 12.26 -4.15 32.20
CA MET A 239 11.78 -5.49 32.56
C MET A 239 12.88 -6.46 33.00
N GLY A 240 14.12 -6.21 32.55
CA GLY A 240 15.27 -7.03 32.92
C GLY A 240 15.71 -7.99 31.84
N GLU A 241 16.83 -8.64 32.08
CA GLU A 241 17.46 -9.54 31.11
C GLU A 241 16.73 -10.87 30.93
N GLU A 242 16.13 -11.38 32.00
CA GLU A 242 15.42 -12.66 31.95
C GLU A 242 14.15 -12.59 31.10
N PHE A 243 13.35 -11.53 31.29
CA PHE A 243 12.17 -11.29 30.45
C PHE A 243 12.57 -11.05 28.98
N ARG A 244 13.71 -10.39 28.76
CA ARG A 244 14.20 -10.12 27.42
C ARG A 244 14.41 -11.42 26.63
N LYS A 245 15.00 -12.42 27.29
CA LYS A 245 15.18 -13.75 26.70
C LYS A 245 13.87 -14.50 26.53
N LYS A 246 12.97 -14.42 27.53
CA LYS A 246 11.62 -15.00 27.43
C LYS A 246 10.84 -14.43 26.25
N GLN A 247 10.90 -13.11 26.09
CA GLN A 247 10.23 -12.39 25.01
C GLN A 247 10.83 -12.75 23.64
N ALA A 248 12.15 -12.61 23.53
CA ALA A 248 12.91 -12.94 22.32
C ALA A 248 12.65 -14.37 21.81
N GLU A 249 12.49 -15.31 22.74
CA GLU A 249 12.14 -16.70 22.40
C GLU A 249 10.72 -16.82 21.85
N ALA A 250 9.76 -16.17 22.52
CA ALA A 250 8.35 -16.24 22.14
C ALA A 250 8.07 -15.58 20.78
N VAL A 251 8.71 -14.43 20.55
CA VAL A 251 8.53 -13.67 19.31
C VAL A 251 9.27 -14.27 18.09
N LEU A 252 10.24 -15.15 18.34
CA LEU A 252 11.06 -15.74 17.26
C LEU A 252 10.26 -16.55 16.24
N LYS A 253 9.27 -17.31 16.72
CA LYS A 253 8.41 -18.15 15.86
C LYS A 253 7.74 -17.33 14.75
N GLU A 254 7.23 -16.15 15.10
CA GLU A 254 6.57 -15.25 14.16
C GLU A 254 7.53 -14.31 13.42
N LEU A 255 8.66 -13.95 14.03
CA LEU A 255 9.61 -13.00 13.41
C LEU A 255 10.35 -13.57 12.20
N VAL A 256 10.61 -14.89 12.21
CA VAL A 256 11.20 -15.58 11.04
C VAL A 256 10.28 -15.65 9.82
N LYS A 257 8.97 -15.53 10.04
CA LYS A 257 7.98 -15.46 8.95
C LYS A 257 7.41 -14.04 8.74
N THR A 258 7.98 -13.04 9.40
CA THR A 258 7.54 -11.64 9.32
C THR A 258 8.23 -10.92 8.16
N ASP A 259 7.46 -10.07 7.47
CA ASP A 259 7.99 -9.25 6.38
C ASP A 259 8.34 -7.83 6.82
N ILE A 260 7.46 -7.22 7.63
CA ILE A 260 7.69 -5.86 8.15
C ILE A 260 7.67 -5.90 9.68
N ALA A 261 8.76 -5.46 10.31
CA ALA A 261 8.82 -5.31 11.75
C ALA A 261 8.83 -3.83 12.09
N ILE A 262 7.80 -3.35 12.78
CA ILE A 262 7.75 -1.96 13.26
C ILE A 262 8.00 -1.98 14.76
N THR A 263 9.03 -1.27 15.21
CA THR A 263 9.40 -1.24 16.63
C THR A 263 9.23 0.17 17.17
N THR A 264 8.46 0.29 18.26
CA THR A 264 8.03 1.59 18.81
C THR A 264 8.33 1.76 20.30
N ALA A 265 9.08 0.84 20.90
CA ALA A 265 9.14 0.72 22.36
C ALA A 265 10.05 1.78 22.99
N LEU A 266 9.53 2.45 24.02
CA LEU A 266 10.22 3.53 24.73
C LEU A 266 10.10 3.33 26.25
N ILE A 267 11.08 3.82 27.00
CA ILE A 267 11.06 3.82 28.48
C ILE A 267 11.57 5.19 28.95
N PRO A 268 10.71 6.02 29.60
CA PRO A 268 11.14 7.36 30.04
C PRO A 268 12.40 7.39 30.92
N GLY A 269 13.29 8.33 30.62
CA GLY A 269 14.56 8.47 31.32
C GLY A 269 15.60 7.38 31.07
N LYS A 270 15.36 6.53 30.07
CA LYS A 270 16.19 5.36 29.79
C LYS A 270 16.43 5.23 28.29
N PRO A 271 17.51 4.52 27.89
CA PRO A 271 17.63 4.09 26.51
C PRO A 271 16.51 3.12 26.12
N ALA A 272 16.14 3.13 24.84
CA ALA A 272 15.05 2.28 24.35
C ALA A 272 15.47 0.81 24.44
N PRO A 273 14.52 -0.09 24.79
CA PRO A 273 14.88 -1.48 25.02
C PRO A 273 15.18 -2.22 23.72
N VAL A 274 16.21 -3.07 23.74
CA VAL A 274 16.60 -3.84 22.57
C VAL A 274 15.63 -5.00 22.38
N LEU A 275 14.83 -4.95 21.32
CA LEU A 275 13.83 -6.00 21.03
C LEU A 275 14.19 -6.89 19.84
N ILE A 276 15.04 -6.40 18.93
CA ILE A 276 15.54 -7.19 17.80
C ILE A 276 17.07 -7.05 17.76
N THR A 277 17.78 -8.07 18.24
CA THR A 277 19.25 -8.06 18.22
C THR A 277 19.76 -8.45 16.82
N GLU A 278 21.07 -8.34 16.61
CA GLU A 278 21.69 -8.72 15.34
C GLU A 278 21.55 -10.22 15.03
N GLU A 279 21.53 -11.05 16.08
CA GLU A 279 21.23 -12.49 15.95
C GLU A 279 19.80 -12.73 15.42
N MET A 280 18.85 -11.89 15.84
CA MET A 280 17.46 -12.02 15.40
C MET A 280 17.23 -11.61 13.94
N VAL A 281 17.94 -10.59 13.45
CA VAL A 281 17.77 -10.12 12.05
C VAL A 281 18.43 -11.07 11.03
N THR A 282 19.49 -11.77 11.44
CA THR A 282 20.06 -12.86 10.64
C THR A 282 19.08 -14.03 10.42
N LYS A 283 18.15 -14.21 11.36
CA LYS A 283 17.10 -15.22 11.23
C LYS A 283 15.96 -14.82 10.26
N MET A 284 15.84 -13.53 9.95
CA MET A 284 14.73 -13.02 9.14
C MET A 284 14.90 -13.30 7.64
N LYS A 285 13.78 -13.23 6.91
CA LYS A 285 13.75 -13.47 5.46
C LYS A 285 14.41 -12.32 4.71
N PRO A 286 15.05 -12.62 3.56
CA PRO A 286 15.64 -11.54 2.77
C PRO A 286 14.55 -10.72 2.07
N GLY A 287 14.76 -9.42 1.99
CA GLY A 287 13.75 -8.47 1.52
C GLY A 287 12.87 -7.90 2.63
N SER A 288 13.05 -8.38 3.86
CA SER A 288 12.27 -7.89 5.00
C SER A 288 12.73 -6.50 5.42
N VAL A 289 11.83 -5.79 6.11
CA VAL A 289 12.06 -4.41 6.52
C VAL A 289 11.85 -4.30 8.03
N ILE A 290 12.70 -3.50 8.68
CA ILE A 290 12.52 -3.13 10.08
C ILE A 290 12.37 -1.61 10.12
N ILE A 291 11.29 -1.13 10.73
CA ILE A 291 11.07 0.29 10.96
C ILE A 291 11.32 0.58 12.43
N ASP A 292 12.45 1.22 12.72
CA ASP A 292 12.83 1.53 14.10
C ASP A 292 12.41 2.97 14.42
N LEU A 293 11.23 3.11 15.00
CA LEU A 293 10.72 4.43 15.41
C LEU A 293 11.41 4.97 16.67
N ALA A 294 11.98 4.08 17.49
CA ALA A 294 12.76 4.47 18.67
C ALA A 294 14.25 4.75 18.39
N VAL A 295 14.62 5.00 17.13
CA VAL A 295 16.02 5.18 16.71
C VAL A 295 16.73 6.38 17.35
N GLU A 296 15.98 7.46 17.60
CA GLU A 296 16.53 8.65 18.26
C GLU A 296 16.70 8.49 19.79
N ALA A 297 16.07 7.47 20.38
CA ALA A 297 16.27 7.12 21.80
C ALA A 297 17.10 5.85 21.97
N GLY A 298 18.13 5.70 21.13
CA GLY A 298 18.97 4.49 21.11
C GLY A 298 18.61 3.56 19.96
N GLY A 299 17.36 3.14 19.92
CA GLY A 299 16.87 2.17 18.92
C GLY A 299 16.48 0.87 19.58
N ASN A 300 15.38 0.28 19.12
CA ASN A 300 15.00 -1.08 19.50
C ASN A 300 15.82 -2.14 18.76
N CYS A 301 16.46 -1.74 17.65
CA CYS A 301 17.38 -2.60 16.90
C CYS A 301 18.75 -1.89 16.84
N PRO A 302 19.81 -2.52 17.40
CA PRO A 302 21.17 -1.93 17.37
C PRO A 302 21.72 -1.56 15.99
N LEU A 303 21.32 -2.29 14.95
CA LEU A 303 21.72 -2.01 13.57
C LEU A 303 21.15 -0.72 12.97
N SER A 304 20.05 -0.22 13.51
CA SER A 304 19.44 1.01 13.01
C SER A 304 20.35 2.20 13.32
N GLU A 305 20.40 3.15 12.37
CA GLU A 305 21.25 4.33 12.47
C GLU A 305 20.41 5.56 12.09
N PRO A 306 20.36 6.59 12.96
CA PRO A 306 19.58 7.83 12.71
C PRO A 306 19.71 8.45 11.31
N GLY A 307 18.58 8.68 10.66
CA GLY A 307 18.52 9.39 9.38
C GLY A 307 18.95 8.59 8.15
N LYS A 308 19.08 7.27 8.31
CA LYS A 308 19.58 6.39 7.25
C LYS A 308 18.79 5.08 7.18
N ILE A 309 18.77 4.47 5.99
CA ILE A 309 18.35 3.09 5.82
C ILE A 309 19.63 2.25 5.78
N VAL A 310 19.70 1.23 6.64
CA VAL A 310 20.84 0.32 6.71
C VAL A 310 20.39 -1.03 6.15
N VAL A 311 21.14 -1.56 5.19
CA VAL A 311 20.89 -2.91 4.64
C VAL A 311 21.93 -3.87 5.21
N LYS A 312 21.47 -4.89 5.93
CA LYS A 312 22.35 -5.89 6.54
C LYS A 312 21.63 -7.24 6.72
N HIS A 313 22.33 -8.33 6.39
CA HIS A 313 21.81 -9.71 6.48
C HIS A 313 20.56 -9.95 5.61
N GLY A 314 20.47 -9.25 4.48
CA GLY A 314 19.29 -9.30 3.60
C GLY A 314 18.09 -8.44 3.99
N VAL A 315 18.23 -7.70 5.10
CA VAL A 315 17.13 -6.96 5.72
C VAL A 315 17.43 -5.46 5.65
N LYS A 316 16.41 -4.67 5.33
CA LYS A 316 16.50 -3.22 5.45
C LYS A 316 16.09 -2.83 6.87
N ILE A 317 16.94 -2.09 7.56
CA ILE A 317 16.59 -1.52 8.86
C ILE A 317 16.50 -0.01 8.64
N VAL A 318 15.27 0.50 8.74
CA VAL A 318 14.95 1.90 8.43
C VAL A 318 14.90 2.67 9.74
N GLY A 319 15.50 3.86 9.75
CA GLY A 319 15.62 4.65 10.97
C GLY A 319 15.60 6.12 10.65
N HIS A 320 14.48 6.59 10.11
CA HIS A 320 14.27 8.00 9.82
C HIS A 320 14.18 8.78 11.13
N THR A 321 14.64 10.02 11.08
CA THR A 321 14.52 10.97 12.18
C THR A 321 13.30 11.82 11.94
N ASN A 322 12.67 12.27 13.04
CA ASN A 322 11.55 13.21 12.97
C ASN A 322 10.45 12.69 12.04
N VAL A 323 9.92 11.53 12.40
CA VAL A 323 8.92 10.84 11.59
C VAL A 323 7.59 11.63 11.46
N PRO A 324 7.13 12.31 12.54
CA PRO A 324 5.98 13.22 12.38
C PRO A 324 6.13 14.32 11.32
N SER A 325 7.35 14.83 11.10
CA SER A 325 7.60 15.82 10.03
C SER A 325 7.49 15.23 8.60
N ARG A 326 7.54 13.90 8.48
CA ARG A 326 7.20 13.23 7.21
C ARG A 326 5.68 13.23 6.94
N VAL A 327 4.89 13.64 7.93
CA VAL A 327 3.44 13.87 7.79
C VAL A 327 3.12 15.31 8.28
N ALA A 328 3.94 16.27 7.84
CA ALA A 328 3.95 17.63 8.42
C ALA A 328 2.66 18.42 8.25
N ALA A 329 1.95 18.20 7.15
CA ALA A 329 0.70 18.90 6.85
C ALA A 329 -0.50 18.46 7.71
N ASP A 330 -0.46 17.22 8.21
CA ASP A 330 -1.41 16.74 9.24
C ASP A 330 -0.88 16.97 10.65
N ALA A 331 0.43 16.79 10.83
CA ALA A 331 1.08 16.97 12.13
C ALA A 331 0.97 18.38 12.69
N SER A 332 1.04 19.37 11.81
CA SER A 332 1.09 20.77 12.23
C SER A 332 -0.22 21.35 12.80
N PRO A 333 -1.36 21.19 12.09
CA PRO A 333 -2.62 21.62 12.69
C PRO A 333 -2.95 20.98 14.04
N LEU A 334 -2.55 19.73 14.24
CA LEU A 334 -2.75 19.02 15.50
C LEU A 334 -1.79 19.48 16.60
N PHE A 335 -0.55 19.79 16.24
CA PHE A 335 0.43 20.37 17.17
C PHE A 335 0.01 21.78 17.62
N ALA A 336 -0.49 22.58 16.67
CA ALA A 336 -1.03 23.89 16.97
C ALA A 336 -2.23 23.83 17.92
N LYS A 337 -3.12 22.87 17.71
CA LYS A 337 -4.29 22.71 18.57
C LYS A 337 -3.94 22.15 19.96
N ASN A 338 -2.87 21.35 20.05
CA ASN A 338 -2.33 20.93 21.34
C ASN A 338 -1.90 22.13 22.20
N LEU A 339 -1.27 23.12 21.56
CA LEU A 339 -0.86 24.36 22.23
C LEU A 339 -2.05 25.26 22.59
N LEU A 340 -3.03 25.36 21.68
CA LEU A 340 -4.23 26.15 21.92
C LEU A 340 -5.01 25.64 23.12
N ASN A 341 -5.21 24.32 23.20
CA ASN A 341 -5.94 23.70 24.31
C ASN A 341 -5.21 23.80 25.65
N PHE A 342 -3.88 23.92 25.59
CA PHE A 342 -3.06 24.19 26.77
C PHE A 342 -3.18 25.65 27.22
N LEU A 343 -3.15 26.57 26.26
CA LEU A 343 -3.21 28.02 26.52
C LEU A 343 -4.61 28.55 26.85
N THR A 344 -5.62 28.11 26.11
CA THR A 344 -7.00 28.66 26.16
C THR A 344 -7.64 28.82 27.57
N PRO A 345 -7.49 27.81 28.46
CA PRO A 345 -8.03 27.97 29.82
C PRO A 345 -7.45 29.07 30.72
N HIS A 346 -6.39 29.76 30.27
CA HIS A 346 -5.70 30.80 31.04
C HIS A 346 -5.84 32.23 30.51
N VAL A 347 -6.48 32.40 29.35
CA VAL A 347 -6.73 33.73 28.79
C VAL A 347 -7.98 34.30 29.48
N ASP A 348 -7.91 35.56 29.90
CA ASP A 348 -9.04 36.22 30.57
C ASP A 348 -10.14 36.60 29.58
N LYS A 349 -11.32 36.91 30.10
CA LYS A 349 -12.48 37.24 29.26
C LYS A 349 -12.28 38.57 28.49
N ASP A 350 -12.24 39.69 29.21
CA ASP A 350 -12.11 41.03 28.61
C ASP A 350 -11.01 41.88 29.28
N THR A 351 -10.02 41.22 29.88
CA THR A 351 -8.84 41.90 30.42
C THR A 351 -7.80 42.18 29.32
N LYS A 352 -7.77 41.33 28.29
CA LYS A 352 -6.76 41.34 27.23
C LYS A 352 -5.36 41.06 27.81
N THR A 353 -5.28 39.99 28.62
CA THR A 353 -4.02 39.52 29.20
C THR A 353 -4.08 38.01 29.40
N LEU A 354 -2.92 37.42 29.70
CA LEU A 354 -2.76 35.98 29.90
C LEU A 354 -2.21 35.71 31.31
N VAL A 355 -2.99 35.00 32.12
CA VAL A 355 -2.60 34.63 33.48
C VAL A 355 -2.56 33.11 33.56
N MET A 356 -1.37 32.54 33.34
CA MET A 356 -1.16 31.10 33.46
C MET A 356 -1.36 30.67 34.92
N LYS A 357 -2.43 29.91 35.15
CA LYS A 357 -2.81 29.47 36.50
C LYS A 357 -1.73 28.59 37.14
N LEU A 358 -1.02 29.16 38.10
CA LEU A 358 0.10 28.48 38.78
C LEU A 358 -0.35 27.30 39.63
N GLU A 359 -1.62 27.31 40.04
CA GLU A 359 -2.24 26.23 40.81
C GLU A 359 -2.41 24.96 39.98
N ASP A 360 -2.64 25.12 38.68
CA ASP A 360 -2.99 24.02 37.78
C ASP A 360 -1.80 23.08 37.55
N GLU A 361 -2.02 21.78 37.75
CA GLU A 361 -0.96 20.76 37.59
C GLU A 361 -0.46 20.63 36.15
N THR A 362 -1.36 20.88 35.20
CA THR A 362 -1.00 21.03 33.78
C THR A 362 0.04 22.15 33.57
N VAL A 363 -0.13 23.28 34.25
CA VAL A 363 0.76 24.45 34.09
C VAL A 363 2.10 24.25 34.78
N SER A 364 2.09 23.70 35.99
CA SER A 364 3.30 23.55 36.80
C SER A 364 4.28 22.51 36.23
N GLY A 365 3.74 21.38 35.78
CA GLY A 365 4.55 20.32 35.15
C GLY A 365 5.19 20.70 33.83
N THR A 366 4.58 21.63 33.11
CA THR A 366 5.06 22.11 31.82
C THR A 366 6.17 23.17 31.93
N CYS A 367 6.06 24.05 32.94
CA CYS A 367 6.94 25.22 33.02
C CYS A 367 8.39 24.86 33.38
N VAL A 368 9.32 25.56 32.74
CA VAL A 368 10.76 25.30 32.85
C VAL A 368 11.43 26.46 33.57
N THR A 369 11.33 27.65 32.96
CA THR A 369 11.86 28.89 33.51
C THR A 369 10.76 29.94 33.47
N ARG A 370 10.84 30.95 34.32
CA ARG A 370 9.87 32.05 34.36
C ARG A 370 10.48 33.30 35.01
N ASP A 371 10.58 34.38 34.22
CA ASP A 371 11.17 35.66 34.66
C ASP A 371 12.63 35.55 35.14
N GLY A 372 13.40 34.64 34.54
CA GLY A 372 14.79 34.41 34.91
C GLY A 372 14.97 33.58 36.17
N ALA A 373 14.27 32.45 36.23
CA ALA A 373 14.35 31.55 37.39
C ALA A 373 13.83 30.16 37.01
N ILE A 374 14.73 29.17 36.95
CA ILE A 374 14.37 27.81 36.52
C ILE A 374 13.55 27.10 37.61
N VAL A 375 12.23 27.07 37.42
CA VAL A 375 11.30 26.54 38.41
C VAL A 375 11.22 24.99 38.45
N HIS A 376 11.46 24.34 37.30
CA HIS A 376 11.28 22.88 37.17
C HIS A 376 12.25 22.11 38.09
N PRO A 377 11.74 21.12 38.86
CA PRO A 377 12.66 20.28 39.64
C PRO A 377 13.42 19.26 38.79
N ALA A 378 14.47 19.74 38.13
CA ALA A 378 15.32 18.90 37.26
C ALA A 378 16.64 18.56 37.96
N MET B 1 17.05 -30.30 -23.03
CA MET B 1 16.11 -29.32 -22.39
C MET B 1 16.29 -29.40 -20.88
N LYS B 2 17.05 -28.52 -20.21
CA LYS B 2 17.84 -27.38 -20.72
C LYS B 2 16.97 -26.16 -21.04
N ILE B 3 16.47 -25.56 -19.96
CA ILE B 3 15.84 -24.23 -19.98
C ILE B 3 16.69 -23.32 -19.08
N ALA B 4 17.02 -22.12 -19.58
CA ALA B 4 17.90 -21.18 -18.87
C ALA B 4 17.24 -19.82 -18.59
N ILE B 5 17.56 -19.24 -17.43
CA ILE B 5 17.05 -17.95 -17.00
C ILE B 5 18.21 -17.06 -16.52
N PRO B 6 18.57 -16.01 -17.29
CA PRO B 6 19.70 -15.20 -16.87
C PRO B 6 19.25 -14.07 -15.94
N LYS B 7 20.22 -13.33 -15.42
CA LYS B 7 19.94 -12.09 -14.71
C LYS B 7 19.50 -11.04 -15.72
N GLU B 8 18.61 -10.14 -15.29
CA GLU B 8 18.24 -8.99 -16.10
C GLU B 8 19.32 -7.93 -16.01
N ARG B 9 19.85 -7.51 -17.15
CA ARG B 9 21.00 -6.60 -17.19
C ARG B 9 20.64 -5.15 -17.49
N ARG B 10 19.42 -4.89 -17.92
CA ARG B 10 18.98 -3.52 -18.21
C ARG B 10 18.88 -2.70 -16.92
N PRO B 11 19.26 -1.40 -16.95
CA PRO B 11 19.29 -0.60 -15.72
C PRO B 11 17.94 -0.52 -14.98
N GLY B 12 17.99 -0.78 -13.67
CA GLY B 12 16.80 -0.71 -12.82
C GLY B 12 15.85 -1.89 -12.87
N GLU B 13 16.19 -2.92 -13.65
CA GLU B 13 15.36 -4.13 -13.73
C GLU B 13 15.75 -5.10 -12.62
N ASP B 14 14.88 -5.23 -11.62
CA ASP B 14 15.12 -6.15 -10.50
C ASP B 14 14.29 -7.44 -10.57
N ARG B 15 13.44 -7.56 -11.58
CA ARG B 15 12.66 -8.79 -11.74
C ARG B 15 13.51 -9.90 -12.36
N VAL B 16 13.02 -11.12 -12.22
CA VAL B 16 13.62 -12.31 -12.82
C VAL B 16 12.48 -13.18 -13.33
N ALA B 17 12.75 -13.99 -14.35
CA ALA B 17 11.73 -14.82 -14.99
C ALA B 17 11.73 -16.26 -14.44
N ILE B 18 11.78 -16.38 -13.11
CA ILE B 18 11.76 -17.68 -12.44
C ILE B 18 11.31 -17.47 -10.99
N SER B 19 10.81 -18.55 -10.39
CA SER B 19 10.63 -18.66 -8.94
C SER B 19 10.92 -20.10 -8.52
N PRO B 20 11.18 -20.34 -7.22
CA PRO B 20 11.34 -21.73 -6.74
C PRO B 20 10.14 -22.64 -7.03
N GLU B 21 8.93 -22.12 -6.88
CA GLU B 21 7.70 -22.86 -7.21
C GLU B 21 7.72 -23.35 -8.67
N VAL B 22 8.09 -22.46 -9.58
CA VAL B 22 8.11 -22.77 -11.01
C VAL B 22 9.30 -23.68 -11.38
N VAL B 23 10.41 -23.59 -10.64
CA VAL B 23 11.53 -24.53 -10.83
C VAL B 23 11.07 -25.97 -10.57
N LYS B 24 10.38 -26.19 -9.44
CA LYS B 24 9.83 -27.51 -9.10
C LYS B 24 8.94 -28.08 -10.21
N LYS B 25 8.09 -27.24 -10.77
CA LYS B 25 7.22 -27.63 -11.88
C LYS B 25 7.99 -27.95 -13.16
N LEU B 26 9.01 -27.15 -13.47
CA LEU B 26 9.83 -27.36 -14.68
C LEU B 26 10.62 -28.69 -14.67
N VAL B 27 11.18 -29.08 -13.54
CA VAL B 27 11.87 -30.39 -13.46
C VAL B 27 10.86 -31.54 -13.57
N GLY B 28 9.66 -31.34 -13.02
CA GLY B 28 8.55 -32.27 -13.20
C GLY B 28 8.09 -32.44 -14.65
N LEU B 29 8.19 -31.38 -15.46
CA LEU B 29 8.01 -31.49 -16.92
C LEU B 29 9.17 -32.20 -17.64
N GLY B 30 10.31 -32.36 -16.96
CA GLY B 30 11.49 -33.04 -17.50
C GLY B 30 12.61 -32.11 -17.92
N PHE B 31 12.68 -30.92 -17.31
CA PHE B 31 13.69 -29.93 -17.65
C PHE B 31 14.86 -29.98 -16.65
N GLU B 32 16.08 -29.86 -17.16
CA GLU B 32 17.20 -29.35 -16.38
C GLU B 32 17.06 -27.84 -16.39
N VAL B 33 16.85 -27.26 -15.20
CA VAL B 33 16.63 -25.83 -15.05
C VAL B 33 17.96 -25.20 -14.65
N ILE B 34 18.44 -24.27 -15.47
CA ILE B 34 19.68 -23.54 -15.22
C ILE B 34 19.31 -22.09 -14.97
N VAL B 35 20.02 -21.45 -14.03
CA VAL B 35 19.81 -20.02 -13.77
C VAL B 35 21.14 -19.37 -13.39
N GLU B 36 21.32 -18.13 -13.82
CA GLU B 36 22.54 -17.38 -13.57
C GLU B 36 22.58 -16.95 -12.09
N GLN B 37 23.76 -16.99 -11.49
CA GLN B 37 23.92 -16.61 -10.09
C GLN B 37 23.62 -15.12 -9.92
N GLY B 38 22.92 -14.77 -8.85
CA GLY B 38 22.55 -13.39 -8.58
C GLY B 38 21.33 -12.88 -9.32
N ALA B 39 20.66 -13.74 -10.09
CA ALA B 39 19.57 -13.34 -10.97
C ALA B 39 18.31 -12.91 -10.20
N GLY B 40 18.00 -13.64 -9.12
CA GLY B 40 16.86 -13.35 -8.26
C GLY B 40 17.09 -12.47 -7.04
N VAL B 41 18.26 -11.86 -6.92
CA VAL B 41 18.61 -11.04 -5.73
C VAL B 41 17.69 -9.82 -5.58
N GLY B 42 17.40 -9.14 -6.70
CA GLY B 42 16.45 -8.02 -6.70
C GLY B 42 15.03 -8.43 -6.39
N ALA B 43 14.68 -9.68 -6.71
CA ALA B 43 13.39 -10.27 -6.40
C ALA B 43 13.36 -11.02 -5.05
N SER B 44 14.43 -10.92 -4.26
CA SER B 44 14.58 -11.63 -2.97
C SER B 44 14.48 -13.16 -3.10
N ILE B 45 15.01 -13.69 -4.21
CA ILE B 45 15.10 -15.13 -4.44
C ILE B 45 16.59 -15.45 -4.47
N THR B 46 17.08 -16.14 -3.44
CA THR B 46 18.51 -16.45 -3.34
C THR B 46 18.84 -17.64 -4.23
N ASP B 47 20.13 -17.82 -4.49
CA ASP B 47 20.62 -18.98 -5.25
C ASP B 47 20.33 -20.30 -4.55
N ASP B 48 20.40 -20.29 -3.21
CA ASP B 48 20.07 -21.48 -2.40
C ASP B 48 18.60 -21.88 -2.53
N ALA B 49 17.71 -20.89 -2.59
CA ALA B 49 16.28 -21.14 -2.79
C ALA B 49 16.00 -21.83 -4.12
N LEU B 50 16.64 -21.35 -5.20
CA LEU B 50 16.53 -21.99 -6.52
C LEU B 50 17.18 -23.38 -6.54
N THR B 51 18.33 -23.54 -5.89
CA THR B 51 19.01 -24.85 -5.83
C THR B 51 18.15 -25.87 -5.07
N ALA B 52 17.58 -25.45 -3.93
CA ALA B 52 16.68 -26.31 -3.15
C ALA B 52 15.43 -26.74 -3.91
N ALA B 53 14.94 -25.87 -4.81
CA ALA B 53 13.81 -26.19 -5.68
C ALA B 53 14.16 -27.11 -6.86
N GLY B 54 15.45 -27.30 -7.14
CA GLY B 54 15.93 -28.21 -8.19
C GLY B 54 16.76 -27.61 -9.33
N ALA B 55 17.12 -26.33 -9.23
CA ALA B 55 17.86 -25.65 -10.30
C ALA B 55 19.38 -25.77 -10.15
N THR B 56 20.09 -25.69 -11.27
CA THR B 56 21.54 -25.58 -11.29
C THR B 56 21.91 -24.10 -11.39
N ILE B 57 22.94 -23.69 -10.64
CA ILE B 57 23.42 -22.31 -10.65
C ILE B 57 24.66 -22.22 -11.54
N ALA B 58 24.55 -21.44 -12.62
CA ALA B 58 25.67 -21.13 -13.51
C ALA B 58 26.36 -19.86 -13.05
N SER B 59 27.67 -19.77 -13.28
CA SER B 59 28.48 -18.65 -12.79
C SER B 59 28.31 -17.37 -13.61
N THR B 60 28.21 -17.51 -14.93
CA THR B 60 28.01 -16.36 -15.83
C THR B 60 26.77 -16.55 -16.72
N ALA B 61 26.36 -15.45 -17.35
CA ALA B 61 25.24 -15.44 -18.30
C ALA B 61 25.50 -16.27 -19.55
N ALA B 62 26.74 -16.27 -20.02
CA ALA B 62 27.15 -17.08 -21.17
C ALA B 62 27.05 -18.58 -20.89
N GLN B 63 27.55 -19.01 -19.73
CA GLN B 63 27.47 -20.41 -19.32
C GLN B 63 26.03 -20.88 -19.13
N ALA B 64 25.23 -20.04 -18.49
CA ALA B 64 23.79 -20.28 -18.31
C ALA B 64 23.07 -20.52 -19.64
N LEU B 65 23.39 -19.72 -20.65
CA LEU B 65 22.67 -19.74 -21.92
C LEU B 65 23.29 -20.62 -23.02
N SER B 66 24.51 -21.11 -22.82
CA SER B 66 25.27 -21.82 -23.88
C SER B 66 24.54 -23.02 -24.48
N GLN B 67 24.04 -23.90 -23.61
CA GLN B 67 23.41 -25.16 -24.02
C GLN B 67 21.87 -25.15 -23.95
N ALA B 68 21.29 -24.00 -23.61
CA ALA B 68 19.85 -23.92 -23.31
C ALA B 68 18.95 -23.99 -24.55
N ASP B 69 18.01 -24.93 -24.54
CA ASP B 69 17.04 -25.11 -25.62
C ASP B 69 15.89 -24.11 -25.52
N VAL B 70 15.49 -23.80 -24.28
CA VAL B 70 14.52 -22.75 -23.99
C VAL B 70 15.23 -21.68 -23.17
N VAL B 71 14.90 -20.42 -23.42
CA VAL B 71 15.40 -19.29 -22.64
C VAL B 71 14.20 -18.48 -22.16
N TRP B 72 14.15 -18.20 -20.86
CA TRP B 72 13.14 -17.33 -20.27
C TRP B 72 13.85 -16.10 -19.73
N LYS B 73 13.29 -14.93 -20.01
CA LYS B 73 13.73 -13.71 -19.35
C LYS B 73 12.56 -12.73 -19.36
N VAL B 74 12.68 -11.61 -18.63
CA VAL B 74 11.56 -10.66 -18.54
C VAL B 74 11.60 -9.62 -19.68
N GLN B 75 12.63 -8.78 -19.75
CA GLN B 75 12.74 -7.77 -20.81
C GLN B 75 13.48 -8.33 -22.00
N ARG B 76 13.33 -7.67 -23.15
CA ARG B 76 13.92 -8.16 -24.38
C ARG B 76 15.45 -8.20 -24.26
N PRO B 77 16.11 -9.15 -24.97
CA PRO B 77 17.57 -9.18 -24.89
C PRO B 77 18.20 -7.95 -25.57
N MET B 78 19.30 -7.46 -24.99
CA MET B 78 20.05 -6.36 -25.57
C MET B 78 20.79 -6.83 -26.81
N THR B 79 20.96 -5.93 -27.77
CA THR B 79 21.65 -6.22 -29.01
C THR B 79 23.03 -5.56 -28.98
N ALA B 80 23.84 -5.87 -29.98
CA ALA B 80 25.17 -5.26 -30.15
C ALA B 80 25.11 -3.75 -30.39
N GLU B 81 24.01 -3.27 -30.96
CA GLU B 81 23.76 -1.82 -31.09
C GLU B 81 23.56 -1.09 -29.75
N GLU B 82 23.19 -1.82 -28.70
CA GLU B 82 23.06 -1.26 -27.34
C GLU B 82 24.30 -1.49 -26.46
N GLY B 83 25.38 -2.05 -27.02
CA GLY B 83 26.62 -2.28 -26.29
C GLY B 83 26.82 -3.66 -25.69
N THR B 84 25.73 -4.36 -25.34
CA THR B 84 25.77 -5.73 -24.77
C THR B 84 25.00 -6.68 -25.68
N ASP B 85 25.71 -7.52 -26.43
CA ASP B 85 25.08 -8.46 -27.36
C ASP B 85 24.61 -9.72 -26.62
N GLU B 86 23.44 -9.62 -25.99
CA GLU B 86 22.83 -10.73 -25.27
C GLU B 86 22.25 -11.82 -26.17
N VAL B 87 21.77 -11.44 -27.35
CA VAL B 87 21.23 -12.43 -28.30
C VAL B 87 22.29 -13.42 -28.80
N ALA B 88 23.55 -12.96 -28.87
CA ALA B 88 24.70 -13.81 -29.20
C ALA B 88 24.92 -14.98 -28.23
N LEU B 89 24.57 -14.78 -26.96
CA LEU B 89 24.66 -15.83 -25.93
C LEU B 89 23.60 -16.92 -26.09
N ILE B 90 22.48 -16.60 -26.75
CA ILE B 90 21.39 -17.57 -26.95
C ILE B 90 21.83 -18.59 -28.00
N LYS B 91 21.53 -19.87 -27.77
CA LYS B 91 21.92 -20.95 -28.68
C LYS B 91 21.11 -20.91 -29.97
N GLU B 92 21.75 -21.28 -31.09
CA GLU B 92 21.08 -21.32 -32.38
C GLU B 92 19.99 -22.39 -32.43
N GLY B 93 18.82 -22.02 -32.94
CA GLY B 93 17.66 -22.92 -32.97
C GLY B 93 16.81 -22.95 -31.72
N ALA B 94 17.22 -22.21 -30.68
CA ALA B 94 16.56 -22.25 -29.38
C ALA B 94 15.26 -21.45 -29.37
N VAL B 95 14.53 -21.57 -28.26
CA VAL B 95 13.27 -20.85 -28.06
C VAL B 95 13.48 -19.77 -27.01
N LEU B 96 13.03 -18.55 -27.30
CA LEU B 96 13.03 -17.43 -26.36
C LEU B 96 11.59 -17.06 -26.05
N MET B 97 11.29 -16.91 -24.75
CA MET B 97 10.00 -16.40 -24.30
C MET B 97 10.26 -15.24 -23.33
N CYS B 98 9.74 -14.07 -23.67
CA CYS B 98 9.91 -12.87 -22.86
C CYS B 98 8.95 -11.77 -23.30
N HIS B 99 8.99 -10.66 -22.55
CA HIS B 99 8.38 -9.40 -22.98
C HIS B 99 9.32 -8.76 -23.99
N LEU B 100 9.10 -9.06 -25.28
CA LEU B 100 9.99 -8.61 -26.36
C LEU B 100 9.81 -7.14 -26.78
N GLY B 101 8.60 -6.60 -26.63
CA GLY B 101 8.24 -5.33 -27.25
C GLY B 101 8.44 -5.37 -28.76
N ALA B 102 7.97 -6.45 -29.38
CA ALA B 102 8.35 -6.80 -30.76
C ALA B 102 7.87 -5.81 -31.83
N LEU B 103 6.65 -5.30 -31.67
CA LEU B 103 6.06 -4.37 -32.64
C LEU B 103 6.68 -2.97 -32.62
N THR B 104 7.36 -2.61 -31.54
CA THR B 104 8.13 -1.37 -31.43
C THR B 104 9.66 -1.56 -31.53
N ASN B 105 10.13 -2.81 -31.48
CA ASN B 105 11.56 -3.12 -31.53
C ASN B 105 11.87 -4.19 -32.58
N ARG B 106 11.94 -3.78 -33.84
CA ARG B 106 12.28 -4.71 -34.93
C ARG B 106 13.74 -5.20 -34.93
N PRO B 107 14.72 -4.33 -34.56
CA PRO B 107 16.13 -4.78 -34.48
C PRO B 107 16.45 -6.04 -33.64
N VAL B 108 15.79 -6.21 -32.49
CA VAL B 108 15.97 -7.44 -31.71
C VAL B 108 15.35 -8.65 -32.43
N VAL B 109 14.24 -8.42 -33.13
CA VAL B 109 13.58 -9.48 -33.91
C VAL B 109 14.44 -9.91 -35.10
N GLU B 110 15.05 -8.94 -35.79
CA GLU B 110 16.05 -9.21 -36.83
C GLU B 110 17.24 -9.98 -36.27
N ALA B 111 17.78 -9.51 -35.15
CA ALA B 111 18.94 -10.13 -34.51
C ALA B 111 18.69 -11.57 -34.05
N LEU B 112 17.52 -11.83 -33.46
CA LEU B 112 17.10 -13.19 -33.11
C LEU B 112 16.90 -14.09 -34.33
N THR B 113 16.40 -13.52 -35.43
CA THR B 113 16.20 -14.23 -36.69
C THR B 113 17.52 -14.70 -37.32
N LYS B 114 18.58 -13.90 -37.19
CA LYS B 114 19.92 -14.27 -37.69
C LYS B 114 20.47 -15.57 -37.11
N ARG B 115 20.16 -15.84 -35.84
CA ARG B 115 20.57 -17.08 -35.17
C ARG B 115 19.49 -18.18 -35.18
N LYS B 116 18.45 -18.02 -36.00
CA LYS B 116 17.33 -18.98 -36.09
C LYS B 116 16.59 -19.26 -34.77
N ILE B 117 16.54 -18.25 -33.90
CA ILE B 117 15.87 -18.39 -32.60
C ILE B 117 14.37 -18.19 -32.82
N THR B 118 13.56 -19.08 -32.25
CA THR B 118 12.10 -18.94 -32.26
C THR B 118 11.67 -18.11 -31.06
N ALA B 119 11.17 -16.91 -31.31
CA ALA B 119 10.86 -15.94 -30.25
C ALA B 119 9.36 -15.81 -30.05
N TYR B 120 8.92 -15.95 -28.80
CA TYR B 120 7.52 -15.80 -28.42
C TYR B 120 7.35 -14.53 -27.57
N ALA B 121 6.76 -13.51 -28.19
CA ALA B 121 6.53 -12.22 -27.55
C ALA B 121 5.29 -12.29 -26.64
N MET B 122 5.53 -12.30 -25.33
CA MET B 122 4.45 -12.53 -24.34
C MET B 122 3.41 -11.41 -24.26
N GLU B 123 3.79 -10.18 -24.63
CA GLU B 123 2.85 -9.04 -24.66
C GLU B 123 1.73 -9.17 -25.71
N LEU B 124 1.97 -9.98 -26.75
CA LEU B 124 1.01 -10.24 -27.81
C LEU B 124 0.11 -11.46 -27.54
N MET B 125 -0.10 -11.80 -26.26
CA MET B 125 -0.95 -12.92 -25.88
C MET B 125 -2.39 -12.57 -26.24
N PRO B 126 -3.12 -13.51 -26.87
CA PRO B 126 -4.48 -13.19 -27.28
C PRO B 126 -5.41 -13.05 -26.08
N ARG B 127 -6.37 -12.13 -26.19
CA ARG B 127 -7.29 -11.81 -25.11
C ARG B 127 -8.47 -12.79 -25.10
N ILE B 128 -8.20 -14.02 -24.66
CA ILE B 128 -9.20 -15.07 -24.51
C ILE B 128 -9.17 -15.56 -23.06
N SER B 129 -10.30 -16.09 -22.58
CA SER B 129 -10.43 -16.58 -21.20
C SER B 129 -9.36 -17.58 -20.79
N ARG B 130 -8.99 -18.44 -21.74
CA ARG B 130 -7.97 -19.48 -21.54
C ARG B 130 -6.58 -18.94 -21.21
N ALA B 131 -6.23 -17.81 -21.81
CA ALA B 131 -4.87 -17.23 -21.72
C ALA B 131 -4.74 -16.10 -20.69
N GLN B 132 -5.76 -15.91 -19.85
CA GLN B 132 -5.69 -14.95 -18.72
C GLN B 132 -4.58 -15.32 -17.73
N SER B 133 -4.38 -16.62 -17.54
CA SER B 133 -3.29 -17.13 -16.70
C SER B 133 -1.88 -16.97 -17.30
N MET B 134 -1.81 -16.68 -18.61
CA MET B 134 -0.57 -16.47 -19.34
C MET B 134 -0.24 -14.99 -19.59
N ASP B 135 -1.03 -14.08 -18.99
CA ASP B 135 -1.10 -12.67 -19.39
C ASP B 135 -0.18 -11.80 -18.52
N ILE B 136 0.97 -11.43 -19.05
CA ILE B 136 1.95 -10.60 -18.33
C ILE B 136 1.55 -9.13 -18.21
N LEU B 137 0.78 -8.63 -19.17
CA LEU B 137 0.28 -7.26 -19.11
C LEU B 137 -0.58 -7.04 -17.88
N SER B 138 -1.49 -7.97 -17.62
CA SER B 138 -2.36 -7.91 -16.44
C SER B 138 -1.62 -8.12 -15.12
N SER B 139 -0.78 -9.14 -15.04
CA SER B 139 -0.10 -9.48 -13.78
C SER B 139 0.84 -8.37 -13.31
N GLN B 140 1.52 -7.72 -14.28
CA GLN B 140 2.49 -6.66 -14.00
C GLN B 140 1.84 -5.27 -13.83
N SER B 141 0.83 -4.95 -14.64
CA SER B 141 0.02 -3.72 -14.47
C SER B 141 -0.72 -3.64 -13.14
N ASN B 142 -1.19 -4.78 -12.67
CA ASN B 142 -1.92 -4.88 -11.42
C ASN B 142 -1.09 -4.40 -10.23
N LEU B 143 0.13 -4.91 -10.14
CA LEU B 143 1.07 -4.50 -9.10
C LEU B 143 1.53 -3.06 -9.26
N ALA B 144 1.67 -2.60 -10.50
CA ALA B 144 1.99 -1.19 -10.78
C ALA B 144 0.91 -0.22 -10.28
N GLY B 145 -0.34 -0.65 -10.31
CA GLY B 145 -1.45 0.15 -9.78
C GLY B 145 -1.45 0.27 -8.27
N TYR B 146 -1.19 -0.87 -7.63
CA TYR B 146 -0.96 -0.92 -6.19
C TYR B 146 0.19 0.02 -5.78
N ARG B 147 1.33 -0.13 -6.46
CA ARG B 147 2.53 0.68 -6.22
C ARG B 147 2.31 2.17 -6.34
N ALA B 148 1.56 2.57 -7.36
CA ALA B 148 1.23 3.99 -7.60
C ALA B 148 0.69 4.67 -6.33
N VAL B 149 -0.18 3.96 -5.64
CA VAL B 149 -0.78 4.46 -4.39
C VAL B 149 0.23 4.49 -3.24
N ILE B 150 1.11 3.48 -3.17
CA ILE B 150 2.17 3.43 -2.15
C ILE B 150 3.18 4.55 -2.37
N ASP B 151 3.54 4.78 -3.64
CA ASP B 151 4.40 5.90 -4.02
C ASP B 151 3.74 7.25 -3.73
N GLY B 152 2.47 7.40 -4.11
CA GLY B 152 1.72 8.61 -3.79
C GLY B 152 1.62 8.90 -2.30
N ALA B 153 1.31 7.88 -1.51
CA ALA B 153 1.25 8.01 -0.05
C ALA B 153 2.60 8.37 0.57
N TYR B 154 3.68 7.83 0.01
CA TYR B 154 5.04 8.15 0.44
C TYR B 154 5.43 9.60 0.13
N GLU B 155 5.06 10.11 -1.04
CA GLU B 155 5.40 11.48 -1.41
C GLU B 155 4.48 12.52 -0.75
N PHE B 156 3.29 12.10 -0.32
CA PHE B 156 2.29 13.01 0.26
C PHE B 156 2.57 13.28 1.74
N ALA B 157 2.45 14.54 2.15
CA ALA B 157 2.75 14.98 3.51
C ALA B 157 1.54 14.95 4.47
N ARG B 158 0.43 14.34 4.06
CA ARG B 158 -0.70 14.07 4.95
C ARG B 158 -1.04 12.59 4.88
N ALA B 159 -1.73 12.10 5.90
CA ALA B 159 -2.16 10.72 5.97
C ALA B 159 -3.38 10.47 5.08
N PHE B 160 -3.48 9.26 4.53
CA PHE B 160 -4.64 8.86 3.70
C PHE B 160 -5.99 8.84 4.45
N PRO B 161 -6.09 8.13 5.59
CA PRO B 161 -7.39 8.04 6.27
C PRO B 161 -7.78 9.24 7.12
N MET B 162 -9.09 9.43 7.30
CA MET B 162 -9.63 10.35 8.29
C MET B 162 -9.25 9.86 9.69
N MET B 163 -8.83 10.78 10.54
CA MET B 163 -8.48 10.46 11.93
C MET B 163 -9.12 11.45 12.89
N MET B 164 -10.09 10.97 13.66
CA MET B 164 -10.77 11.76 14.68
C MET B 164 -10.01 11.60 15.99
N THR B 165 -9.32 12.65 16.42
CA THR B 165 -8.43 12.58 17.60
C THR B 165 -8.85 13.57 18.68
N ALA B 166 -8.24 13.42 19.85
CA ALA B 166 -8.45 14.33 20.99
C ALA B 166 -8.06 15.78 20.65
N ALA B 167 -6.99 15.94 19.86
CA ALA B 167 -6.48 17.24 19.47
C ALA B 167 -7.05 17.77 18.14
N GLY B 168 -8.11 17.13 17.63
CA GLY B 168 -8.77 17.56 16.40
C GLY B 168 -8.82 16.45 15.37
N THR B 169 -9.54 16.72 14.29
CA THR B 169 -9.71 15.77 13.20
C THR B 169 -8.88 16.25 12.01
N VAL B 170 -8.27 15.30 11.30
CA VAL B 170 -7.64 15.56 10.02
C VAL B 170 -8.44 14.80 8.94
N PRO B 171 -8.79 15.48 7.82
CA PRO B 171 -9.67 14.83 6.82
C PRO B 171 -8.96 13.73 6.01
N PRO B 172 -9.72 12.92 5.25
CA PRO B 172 -9.09 11.92 4.41
C PRO B 172 -8.42 12.55 3.19
N ALA B 173 -7.51 11.82 2.56
CA ALA B 173 -6.93 12.24 1.30
C ALA B 173 -7.97 12.05 0.19
N ARG B 174 -7.92 12.92 -0.81
CA ARG B 174 -8.80 12.81 -1.99
C ARG B 174 -7.96 12.35 -3.17
N VAL B 175 -8.38 11.25 -3.80
CA VAL B 175 -7.62 10.61 -4.88
C VAL B 175 -8.45 10.64 -6.15
N LEU B 176 -7.79 10.97 -7.27
CA LEU B 176 -8.43 10.96 -8.59
C LEU B 176 -7.65 10.03 -9.53
N VAL B 177 -8.31 8.98 -10.02
CA VAL B 177 -7.68 7.98 -10.89
C VAL B 177 -8.13 8.18 -12.34
N PHE B 178 -7.20 8.62 -13.19
CA PHE B 178 -7.44 8.76 -14.61
C PHE B 178 -7.06 7.47 -15.33
N GLY B 179 -8.04 6.84 -15.99
CA GLY B 179 -7.83 5.55 -16.64
C GLY B 179 -8.08 4.45 -15.63
N VAL B 180 -9.11 3.64 -15.88
CA VAL B 180 -9.53 2.58 -14.97
C VAL B 180 -9.48 1.24 -15.73
N GLY B 181 -8.26 0.87 -16.13
CA GLY B 181 -7.96 -0.47 -16.57
C GLY B 181 -7.46 -1.27 -15.37
N VAL B 182 -6.53 -2.20 -15.61
CA VAL B 182 -6.05 -3.12 -14.57
C VAL B 182 -5.32 -2.35 -13.46
N ALA B 183 -4.38 -1.50 -13.86
CA ALA B 183 -3.64 -0.66 -12.92
C ALA B 183 -4.55 0.28 -12.15
N GLY B 184 -5.40 1.00 -12.88
CA GLY B 184 -6.33 1.96 -12.30
C GLY B 184 -7.30 1.37 -11.29
N LEU B 185 -7.80 0.17 -11.59
CA LEU B 185 -8.70 -0.54 -10.67
C LEU B 185 -8.00 -0.94 -9.36
N GLN B 186 -6.77 -1.41 -9.44
CA GLN B 186 -6.02 -1.77 -8.23
C GLN B 186 -5.61 -0.52 -7.42
N ALA B 187 -5.32 0.57 -8.12
CA ALA B 187 -5.09 1.86 -7.48
C ALA B 187 -6.33 2.40 -6.75
N ILE B 188 -7.51 2.21 -7.34
CA ILE B 188 -8.78 2.54 -6.67
C ILE B 188 -8.97 1.71 -5.40
N ALA B 189 -8.72 0.40 -5.47
CA ALA B 189 -8.86 -0.50 -4.33
C ALA B 189 -7.89 -0.17 -3.17
N THR B 190 -6.65 0.12 -3.53
CA THR B 190 -5.59 0.40 -2.55
C THR B 190 -5.78 1.75 -1.88
N ALA B 191 -6.11 2.78 -2.67
CA ALA B 191 -6.47 4.09 -2.12
C ALA B 191 -7.70 4.04 -1.21
N LYS B 192 -8.73 3.31 -1.63
CA LYS B 192 -9.98 3.22 -0.86
C LYS B 192 -9.79 2.48 0.47
N ARG B 193 -9.05 1.38 0.46
CA ARG B 193 -8.79 0.61 1.69
C ARG B 193 -7.89 1.34 2.70
N LEU B 194 -7.06 2.26 2.20
CA LEU B 194 -6.28 3.17 3.06
C LEU B 194 -7.09 4.34 3.65
N GLY B 195 -8.36 4.50 3.24
CA GLY B 195 -9.27 5.49 3.81
C GLY B 195 -9.49 6.73 2.98
N ALA B 196 -8.91 6.78 1.78
CA ALA B 196 -9.04 7.95 0.91
C ALA B 196 -10.43 8.01 0.27
N VAL B 197 -10.89 9.23 -0.02
CA VAL B 197 -12.06 9.44 -0.88
C VAL B 197 -11.52 9.30 -2.30
N VAL B 198 -12.11 8.43 -3.10
CA VAL B 198 -11.58 8.10 -4.43
C VAL B 198 -12.59 8.43 -5.53
N MET B 199 -12.19 9.37 -6.42
CA MET B 199 -12.88 9.63 -7.68
C MET B 199 -12.14 8.93 -8.81
N ALA B 200 -12.81 8.70 -9.93
CA ALA B 200 -12.18 8.14 -11.13
C ALA B 200 -12.88 8.57 -12.41
N THR B 201 -12.14 8.52 -13.52
CA THR B 201 -12.69 8.82 -14.85
C THR B 201 -12.07 7.93 -15.93
N ASP B 202 -12.85 7.66 -16.97
CA ASP B 202 -12.41 6.85 -18.12
C ASP B 202 -13.30 7.16 -19.33
N VAL B 203 -12.73 7.01 -20.53
CA VAL B 203 -13.49 7.17 -21.78
C VAL B 203 -14.52 6.05 -22.03
N ARG B 204 -14.21 4.83 -21.62
CA ARG B 204 -15.10 3.68 -21.85
C ARG B 204 -16.29 3.65 -20.89
N ALA B 205 -17.43 3.17 -21.38
CA ALA B 205 -18.71 3.27 -20.68
C ALA B 205 -18.88 2.27 -19.53
N ALA B 206 -18.43 1.03 -19.74
CA ALA B 206 -18.56 -0.04 -18.75
C ALA B 206 -17.72 0.17 -17.48
N THR B 207 -16.72 1.05 -17.56
CA THR B 207 -15.87 1.42 -16.44
C THR B 207 -16.59 2.05 -15.24
N LYS B 208 -17.64 2.82 -15.49
CA LYS B 208 -18.40 3.48 -14.42
C LYS B 208 -18.88 2.50 -13.36
N GLU B 209 -19.43 1.39 -13.82
CA GLU B 209 -19.90 0.32 -12.94
C GLU B 209 -18.75 -0.40 -12.21
N GLN B 210 -17.60 -0.51 -12.88
CA GLN B 210 -16.39 -1.12 -12.28
C GLN B 210 -15.82 -0.25 -11.17
N VAL B 211 -15.73 1.06 -11.42
CA VAL B 211 -15.34 2.05 -10.40
C VAL B 211 -16.23 1.97 -9.16
N GLU B 212 -17.54 1.91 -9.39
CA GLU B 212 -18.52 1.81 -8.30
C GLU B 212 -18.47 0.48 -7.55
N SER B 213 -18.07 -0.59 -8.24
CA SER B 213 -17.91 -1.91 -7.62
C SER B 213 -16.72 -2.01 -6.65
N LEU B 214 -15.84 -1.00 -6.67
CA LEU B 214 -14.79 -0.83 -5.67
C LEU B 214 -15.06 0.32 -4.68
N GLY B 215 -16.28 0.83 -4.65
CA GLY B 215 -16.66 1.93 -3.77
C GLY B 215 -16.16 3.32 -4.15
N GLY B 216 -15.67 3.47 -5.38
CA GLY B 216 -15.30 4.80 -5.92
C GLY B 216 -16.50 5.49 -6.53
N LYS B 217 -16.34 6.75 -6.89
CA LYS B 217 -17.38 7.52 -7.59
C LYS B 217 -16.86 7.99 -8.95
N PHE B 218 -17.65 7.79 -9.99
CA PHE B 218 -17.22 8.06 -11.36
C PHE B 218 -17.53 9.51 -11.73
N ILE B 219 -16.55 10.19 -12.34
CA ILE B 219 -16.74 11.58 -12.77
C ILE B 219 -17.57 11.62 -14.04
N THR B 220 -18.87 11.80 -13.84
CA THR B 220 -19.80 12.35 -14.82
C THR B 220 -21.17 12.46 -14.13
N VAL B 221 -21.67 13.69 -14.01
CA VAL B 221 -23.00 13.96 -13.45
C VAL B 221 -23.94 14.23 -14.64
N ASP B 222 -23.61 15.25 -15.43
CA ASP B 222 -24.30 15.56 -16.68
C ASP B 222 -23.28 15.82 -17.78
N GLY B 240 -9.75 11.77 -33.55
CA GLY B 240 -9.94 13.21 -33.38
C GLY B 240 -9.64 13.69 -31.97
N GLU B 241 -9.30 14.97 -31.84
CA GLU B 241 -8.94 15.59 -30.55
C GLU B 241 -10.08 16.47 -30.01
N GLU B 242 -11.19 15.82 -29.65
CA GLU B 242 -12.28 16.43 -28.86
C GLU B 242 -12.55 15.73 -27.51
N PHE B 243 -11.88 14.60 -27.24
CA PHE B 243 -11.85 14.01 -25.90
C PHE B 243 -11.22 14.98 -24.89
N ARG B 244 -10.02 15.45 -25.24
CA ARG B 244 -9.19 16.24 -24.32
C ARG B 244 -9.80 17.59 -23.92
N LYS B 245 -10.38 18.28 -24.90
CA LYS B 245 -10.97 19.61 -24.69
C LYS B 245 -12.26 19.57 -23.87
N LYS B 246 -13.14 18.62 -24.21
CA LYS B 246 -14.47 18.53 -23.58
C LYS B 246 -14.44 17.92 -22.16
N GLN B 247 -13.67 16.84 -21.98
CA GLN B 247 -13.68 16.07 -20.72
C GLN B 247 -13.39 16.93 -19.48
N ALA B 248 -12.31 17.71 -19.53
CA ALA B 248 -11.84 18.48 -18.37
C ALA B 248 -12.71 19.70 -18.04
N GLU B 249 -13.89 19.44 -17.47
CA GLU B 249 -14.77 20.49 -16.92
C GLU B 249 -15.42 20.02 -15.61
N ALA B 250 -16.07 18.86 -15.64
CA ALA B 250 -16.50 18.16 -14.43
C ALA B 250 -15.30 17.55 -13.72
N VAL B 251 -14.31 17.12 -14.51
CA VAL B 251 -13.01 16.62 -14.01
C VAL B 251 -12.21 17.72 -13.29
N LEU B 252 -12.20 18.92 -13.87
CA LEU B 252 -11.44 20.05 -13.29
C LEU B 252 -11.96 20.42 -11.90
N LYS B 253 -13.29 20.39 -11.73
CA LYS B 253 -13.94 20.61 -10.43
C LYS B 253 -13.39 19.70 -9.33
N GLU B 254 -13.30 18.40 -9.64
CA GLU B 254 -12.75 17.42 -8.71
C GLU B 254 -11.23 17.49 -8.59
N LEU B 255 -10.55 17.77 -9.71
CA LEU B 255 -9.08 17.87 -9.72
C LEU B 255 -8.53 18.98 -8.83
N VAL B 256 -9.27 20.08 -8.72
CA VAL B 256 -8.93 21.19 -7.82
C VAL B 256 -8.95 20.76 -6.33
N LYS B 257 -9.82 19.80 -5.99
CA LYS B 257 -9.90 19.24 -4.63
C LYS B 257 -8.98 18.03 -4.38
N THR B 258 -8.28 17.56 -5.40
CA THR B 258 -7.54 16.31 -5.35
C THR B 258 -6.19 16.46 -4.67
N ASP B 259 -5.85 15.49 -3.81
CA ASP B 259 -4.54 15.42 -3.17
C ASP B 259 -3.55 14.58 -3.99
N ILE B 260 -3.99 13.40 -4.43
CA ILE B 260 -3.17 12.51 -5.25
C ILE B 260 -3.89 12.20 -6.55
N ALA B 261 -3.30 12.61 -7.67
CA ALA B 261 -3.81 12.27 -8.99
C ALA B 261 -2.97 11.13 -9.55
N ILE B 262 -3.64 10.05 -9.97
CA ILE B 262 -2.96 8.88 -10.52
C ILE B 262 -3.44 8.67 -11.96
N THR B 263 -2.51 8.78 -12.90
CA THR B 263 -2.85 8.69 -14.33
C THR B 263 -2.24 7.41 -14.92
N THR B 264 -3.10 6.60 -15.54
CA THR B 264 -2.75 5.25 -15.98
C THR B 264 -3.15 4.94 -17.44
N ALA B 265 -3.47 5.96 -18.24
CA ALA B 265 -4.08 5.76 -19.55
C ALA B 265 -3.07 5.56 -20.67
N LEU B 266 -3.18 4.45 -21.40
CA LEU B 266 -2.38 4.18 -22.58
C LEU B 266 -3.27 3.95 -23.80
N ILE B 267 -2.78 4.34 -24.97
CA ILE B 267 -3.39 4.01 -26.25
C ILE B 267 -2.40 3.07 -26.94
N PRO B 268 -2.84 1.85 -27.31
CA PRO B 268 -1.86 0.82 -27.71
C PRO B 268 -1.12 1.13 -29.02
N GLY B 269 0.20 1.29 -28.93
CA GLY B 269 1.04 1.65 -30.07
C GLY B 269 1.41 3.13 -30.07
N LYS B 270 0.40 3.99 -30.01
CA LYS B 270 0.57 5.44 -30.09
C LYS B 270 1.01 6.05 -28.74
N PRO B 271 1.51 7.30 -28.73
CA PRO B 271 1.83 7.96 -27.45
C PRO B 271 0.63 8.18 -26.52
N ALA B 272 0.92 8.40 -25.24
CA ALA B 272 -0.12 8.46 -24.21
C ALA B 272 -0.92 9.76 -24.30
N PRO B 273 -2.24 9.70 -24.03
CA PRO B 273 -3.07 10.90 -24.11
C PRO B 273 -2.83 11.85 -22.95
N VAL B 274 -2.68 13.14 -23.25
CA VAL B 274 -2.49 14.17 -22.21
C VAL B 274 -3.81 14.38 -21.45
N LEU B 275 -3.84 13.93 -20.19
CA LEU B 275 -5.03 14.06 -19.33
C LEU B 275 -4.95 15.17 -18.29
N ILE B 276 -3.73 15.59 -17.96
CA ILE B 276 -3.49 16.74 -17.10
C ILE B 276 -2.48 17.64 -17.80
N THR B 277 -2.91 18.82 -18.23
CA THR B 277 -2.02 19.81 -18.83
C THR B 277 -1.30 20.58 -17.73
N GLU B 278 -0.26 21.32 -18.09
CA GLU B 278 0.43 22.23 -17.15
C GLU B 278 -0.55 23.26 -16.59
N GLU B 279 -1.43 23.77 -17.46
CA GLU B 279 -2.55 24.64 -17.06
C GLU B 279 -3.38 24.02 -15.94
N MET B 280 -3.69 22.73 -16.07
CA MET B 280 -4.45 22.01 -15.05
C MET B 280 -3.69 21.85 -13.72
N VAL B 281 -2.36 21.69 -13.75
CA VAL B 281 -1.59 21.56 -12.49
C VAL B 281 -1.43 22.88 -11.75
N THR B 282 -1.55 24.03 -12.45
CA THR B 282 -1.51 25.34 -11.80
C THR B 282 -2.72 25.54 -10.86
N LYS B 283 -3.86 24.98 -11.26
CA LYS B 283 -5.10 25.05 -10.48
C LYS B 283 -5.19 23.99 -9.35
N MET B 284 -4.15 23.19 -9.15
CA MET B 284 -4.10 22.24 -8.03
C MET B 284 -3.48 22.88 -6.80
N LYS B 285 -3.87 22.39 -5.63
CA LYS B 285 -3.34 22.91 -4.36
C LYS B 285 -1.90 22.43 -4.10
N PRO B 286 -1.04 23.29 -3.52
CA PRO B 286 0.32 22.85 -3.19
C PRO B 286 0.38 21.72 -2.17
N GLY B 287 1.42 20.89 -2.27
CA GLY B 287 1.50 19.63 -1.54
C GLY B 287 0.82 18.45 -2.23
N SER B 288 0.16 18.69 -3.36
CA SER B 288 -0.44 17.63 -4.17
C SER B 288 0.64 16.85 -4.89
N VAL B 289 0.31 15.62 -5.30
CA VAL B 289 1.21 14.77 -6.06
C VAL B 289 0.50 14.16 -7.26
N ILE B 290 1.21 14.03 -8.38
CA ILE B 290 0.75 13.33 -9.56
C ILE B 290 1.64 12.10 -9.76
N ILE B 291 1.02 10.93 -9.89
CA ILE B 291 1.72 9.70 -10.26
C ILE B 291 1.36 9.42 -11.71
N ASP B 292 2.35 9.55 -12.60
CA ASP B 292 2.15 9.30 -14.02
C ASP B 292 2.72 7.93 -14.39
N LEU B 293 1.86 6.91 -14.37
CA LEU B 293 2.23 5.55 -14.76
C LEU B 293 2.43 5.38 -16.26
N ALA B 294 1.90 6.32 -17.06
CA ALA B 294 2.09 6.33 -18.52
C ALA B 294 3.31 7.15 -19.00
N VAL B 295 4.25 7.45 -18.11
CA VAL B 295 5.42 8.28 -18.41
C VAL B 295 6.36 7.73 -19.51
N GLU B 296 6.45 6.41 -19.63
CA GLU B 296 7.32 5.79 -20.64
C GLU B 296 6.76 5.92 -22.06
N ALA B 297 5.45 6.17 -22.19
CA ALA B 297 4.80 6.43 -23.47
C ALA B 297 4.51 7.93 -23.71
N GLY B 298 5.27 8.81 -23.07
CA GLY B 298 5.10 10.26 -23.21
C GLY B 298 4.38 10.94 -22.05
N GLY B 299 3.72 10.16 -21.20
CA GLY B 299 3.03 10.68 -20.02
C GLY B 299 1.63 11.18 -20.32
N ASN B 300 0.73 11.01 -19.35
CA ASN B 300 -0.56 11.73 -19.34
C ASN B 300 -0.42 13.17 -18.84
N CYS B 301 0.75 13.49 -18.28
CA CYS B 301 1.11 14.85 -17.91
C CYS B 301 2.41 15.23 -18.64
N PRO B 302 2.41 16.33 -19.44
CA PRO B 302 3.64 16.81 -20.08
C PRO B 302 4.80 17.16 -19.15
N LEU B 303 4.49 17.53 -17.90
CA LEU B 303 5.50 17.89 -16.92
C LEU B 303 6.31 16.70 -16.39
N SER B 304 5.76 15.49 -16.49
CA SER B 304 6.47 14.30 -15.99
C SER B 304 7.73 14.00 -16.81
N GLU B 305 8.75 13.48 -16.14
CA GLU B 305 10.01 13.10 -16.78
C GLU B 305 10.42 11.70 -16.30
N PRO B 306 10.71 10.77 -17.24
CA PRO B 306 11.12 9.40 -16.89
C PRO B 306 12.22 9.32 -15.82
N GLY B 307 11.97 8.54 -14.78
CA GLY B 307 12.92 8.31 -13.70
C GLY B 307 13.13 9.48 -12.73
N LYS B 308 12.23 10.46 -12.76
CA LYS B 308 12.38 11.68 -11.97
C LYS B 308 11.11 12.05 -11.20
N ILE B 309 11.31 12.69 -10.05
CA ILE B 309 10.26 13.43 -9.36
C ILE B 309 10.56 14.90 -9.60
N VAL B 310 9.70 15.57 -10.37
CA VAL B 310 9.84 17.01 -10.64
C VAL B 310 8.74 17.79 -9.91
N VAL B 311 9.14 18.92 -9.33
CA VAL B 311 8.21 19.81 -8.62
C VAL B 311 7.98 21.07 -9.46
N LYS B 312 6.73 21.37 -9.75
CA LYS B 312 6.37 22.63 -10.40
C LYS B 312 4.95 23.04 -10.02
N HIS B 313 4.76 24.35 -9.79
CA HIS B 313 3.51 24.93 -9.29
C HIS B 313 3.07 24.37 -7.92
N GLY B 314 4.05 24.00 -7.09
CA GLY B 314 3.79 23.37 -5.80
C GLY B 314 3.34 21.91 -5.82
N VAL B 315 3.41 21.26 -6.99
CA VAL B 315 2.88 19.91 -7.19
C VAL B 315 4.03 18.98 -7.57
N LYS B 316 4.18 17.86 -6.86
CA LYS B 316 5.15 16.82 -7.22
C LYS B 316 4.60 15.98 -8.38
N ILE B 317 5.32 15.94 -9.51
CA ILE B 317 4.97 15.07 -10.62
C ILE B 317 5.96 13.91 -10.62
N VAL B 318 5.46 12.74 -10.20
CA VAL B 318 6.28 11.55 -10.04
C VAL B 318 6.20 10.70 -11.31
N GLY B 319 7.36 10.32 -11.84
CA GLY B 319 7.45 9.60 -13.10
C GLY B 319 8.49 8.51 -13.04
N HIS B 320 8.31 7.57 -12.11
CA HIS B 320 9.18 6.41 -12.00
C HIS B 320 9.06 5.54 -13.24
N THR B 321 10.18 4.95 -13.65
CA THR B 321 10.18 3.96 -14.72
C THR B 321 10.03 2.56 -14.12
N ASN B 322 9.49 1.66 -14.92
CA ASN B 322 9.44 0.24 -14.59
C ASN B 322 8.86 0.02 -13.19
N VAL B 323 7.60 0.43 -13.05
CA VAL B 323 6.91 0.37 -11.76
C VAL B 323 6.69 -1.08 -11.27
N PRO B 324 6.43 -2.04 -12.19
CA PRO B 324 6.41 -3.45 -11.73
C PRO B 324 7.70 -3.93 -11.03
N SER B 325 8.86 -3.41 -11.45
CA SER B 325 10.14 -3.74 -10.80
C SER B 325 10.31 -3.12 -9.41
N ARG B 326 9.47 -2.14 -9.06
CA ARG B 326 9.37 -1.64 -7.68
C ARG B 326 8.60 -2.62 -6.76
N VAL B 327 7.96 -3.63 -7.36
CA VAL B 327 7.36 -4.77 -6.65
C VAL B 327 7.95 -6.08 -7.19
N ALA B 328 9.27 -6.09 -7.41
CA ALA B 328 9.97 -7.20 -8.09
C ALA B 328 9.78 -8.58 -7.46
N ALA B 329 9.66 -8.63 -6.12
CA ALA B 329 9.58 -9.89 -5.39
C ALA B 329 8.20 -10.58 -5.48
N ASP B 330 7.13 -9.81 -5.67
CA ASP B 330 5.81 -10.35 -6.04
C ASP B 330 5.63 -10.44 -7.55
N ALA B 331 6.19 -9.48 -8.29
CA ALA B 331 6.09 -9.46 -9.76
C ALA B 331 6.76 -10.66 -10.45
N SER B 332 7.92 -11.08 -9.93
CA SER B 332 8.69 -12.16 -10.56
C SER B 332 8.05 -13.56 -10.50
N PRO B 333 7.55 -14.01 -9.32
CA PRO B 333 6.74 -15.25 -9.27
C PRO B 333 5.52 -15.28 -10.21
N LEU B 334 4.83 -14.16 -10.35
CA LEU B 334 3.65 -14.08 -11.21
C LEU B 334 4.02 -14.13 -12.70
N PHE B 335 5.10 -13.43 -13.06
CA PHE B 335 5.66 -13.46 -14.41
C PHE B 335 6.12 -14.87 -14.80
N ALA B 336 6.88 -15.51 -13.91
CA ALA B 336 7.35 -16.89 -14.12
C ALA B 336 6.19 -17.90 -14.26
N LYS B 337 5.10 -17.67 -13.53
CA LYS B 337 3.87 -18.47 -13.69
C LYS B 337 3.19 -18.26 -15.04
N ASN B 338 3.12 -17.01 -15.52
CA ASN B 338 2.59 -16.70 -16.85
C ASN B 338 3.36 -17.45 -17.94
N LEU B 339 4.70 -17.43 -17.81
CA LEU B 339 5.61 -18.20 -18.66
C LEU B 339 5.37 -19.71 -18.56
N LEU B 340 5.21 -20.23 -17.35
CA LEU B 340 4.92 -21.66 -17.12
C LEU B 340 3.56 -22.09 -17.69
N ASN B 341 2.52 -21.29 -17.41
CA ASN B 341 1.18 -21.56 -17.92
C ASN B 341 1.10 -21.54 -19.45
N PHE B 342 1.90 -20.69 -20.08
CA PHE B 342 2.03 -20.66 -21.54
C PHE B 342 2.84 -21.85 -22.07
N LEU B 343 3.90 -22.21 -21.34
CA LEU B 343 4.82 -23.30 -21.74
C LEU B 343 4.21 -24.70 -21.56
N THR B 344 3.58 -24.93 -20.41
CA THR B 344 3.18 -26.28 -19.95
C THR B 344 2.34 -27.14 -20.91
N PRO B 345 1.33 -26.54 -21.60
CA PRO B 345 0.55 -27.31 -22.59
C PRO B 345 1.29 -27.90 -23.81
N HIS B 346 2.53 -27.48 -24.06
CA HIS B 346 3.28 -27.90 -25.25
C HIS B 346 4.41 -28.88 -25.00
N VAL B 347 4.65 -29.23 -23.73
CA VAL B 347 5.63 -30.25 -23.38
C VAL B 347 4.95 -31.60 -23.62
N ASP B 348 5.51 -32.39 -24.55
CA ASP B 348 5.15 -33.80 -24.66
C ASP B 348 5.79 -34.45 -23.43
N LYS B 349 4.97 -35.04 -22.57
CA LYS B 349 5.44 -35.52 -21.25
C LYS B 349 6.48 -36.61 -21.45
N ASP B 350 6.12 -37.62 -22.26
CA ASP B 350 7.09 -38.61 -22.75
C ASP B 350 8.04 -38.00 -23.79
N THR B 351 9.15 -38.69 -24.03
CA THR B 351 10.22 -38.30 -24.98
C THR B 351 10.78 -36.86 -24.87
N LYS B 352 10.78 -36.31 -23.65
CA LYS B 352 11.43 -35.02 -23.30
C LYS B 352 11.59 -34.00 -24.45
N THR B 353 10.45 -33.54 -24.97
CA THR B 353 10.43 -32.57 -26.08
C THR B 353 9.40 -31.46 -25.86
N LEU B 354 9.58 -30.37 -26.60
CA LEU B 354 8.68 -29.24 -26.63
C LEU B 354 8.15 -29.12 -28.06
N VAL B 355 6.83 -29.25 -28.22
CA VAL B 355 6.18 -29.19 -29.52
C VAL B 355 5.10 -28.11 -29.46
N MET B 356 5.45 -26.90 -29.91
CA MET B 356 4.56 -25.75 -29.85
C MET B 356 3.51 -25.88 -30.96
N LYS B 357 2.28 -26.24 -30.57
CA LYS B 357 1.19 -26.51 -31.51
C LYS B 357 0.79 -25.26 -32.30
N LEU B 358 0.83 -25.36 -33.63
CA LEU B 358 0.64 -24.21 -34.52
C LEU B 358 -0.84 -23.85 -34.74
N GLU B 359 -1.75 -24.79 -34.45
CA GLU B 359 -3.20 -24.52 -34.46
C GLU B 359 -3.57 -23.60 -33.29
N ASP B 360 -2.80 -23.70 -32.20
CA ASP B 360 -3.03 -22.92 -30.98
C ASP B 360 -2.92 -21.41 -31.24
N GLU B 361 -3.99 -20.70 -30.86
CA GLU B 361 -4.07 -19.24 -30.97
C GLU B 361 -3.04 -18.52 -30.12
N THR B 362 -2.75 -19.10 -28.95
CA THR B 362 -1.76 -18.56 -28.01
C THR B 362 -0.34 -18.64 -28.61
N VAL B 363 -0.06 -19.71 -29.36
CA VAL B 363 1.20 -19.88 -30.07
C VAL B 363 1.30 -18.97 -31.30
N SER B 364 0.26 -18.94 -32.12
CA SER B 364 0.26 -18.19 -33.38
C SER B 364 0.21 -16.68 -33.17
N GLY B 365 -0.60 -16.24 -32.21
CA GLY B 365 -0.71 -14.81 -31.88
C GLY B 365 0.55 -14.18 -31.29
N THR B 366 1.37 -15.00 -30.64
CA THR B 366 2.51 -14.52 -29.87
C THR B 366 3.87 -14.74 -30.58
N CYS B 367 3.96 -15.71 -31.50
CA CYS B 367 5.20 -16.02 -32.21
C CYS B 367 5.60 -14.94 -33.21
N VAL B 368 6.84 -14.49 -33.11
CA VAL B 368 7.34 -13.32 -33.83
C VAL B 368 8.29 -13.72 -34.97
N THR B 369 9.19 -14.64 -34.67
CA THR B 369 10.09 -15.25 -35.67
C THR B 369 10.23 -16.73 -35.32
N ARG B 370 10.60 -17.54 -36.32
CA ARG B 370 10.73 -18.98 -36.13
C ARG B 370 11.63 -19.62 -37.19
N ASP B 371 12.63 -20.37 -36.73
CA ASP B 371 13.54 -21.13 -37.59
C ASP B 371 14.25 -20.29 -38.66
N GLY B 372 14.56 -19.04 -38.31
CA GLY B 372 15.28 -18.13 -39.20
C GLY B 372 14.45 -17.27 -40.13
N ALA B 373 13.17 -17.06 -39.80
CA ALA B 373 12.27 -16.26 -40.63
C ALA B 373 11.23 -15.54 -39.78
N ILE B 374 11.03 -14.24 -40.04
CA ILE B 374 10.04 -13.44 -39.31
C ILE B 374 8.62 -13.89 -39.69
N VAL B 375 7.84 -14.22 -38.66
CA VAL B 375 6.55 -14.91 -38.80
C VAL B 375 5.35 -13.98 -38.65
N HIS B 376 5.45 -12.96 -37.79
CA HIS B 376 4.30 -12.14 -37.43
C HIS B 376 3.89 -11.19 -38.58
N PRO B 377 2.59 -11.20 -38.99
CA PRO B 377 2.06 -10.34 -40.05
C PRO B 377 2.47 -8.87 -40.02
N ALA B 378 2.47 -8.27 -38.83
CA ALA B 378 2.85 -6.87 -38.64
C ALA B 378 4.35 -6.58 -38.87
N LEU B 379 5.20 -7.59 -38.72
CA LEU B 379 6.66 -7.43 -38.84
C LEU B 379 7.27 -7.92 -40.16
N THR B 380 6.52 -8.69 -40.94
CA THR B 380 7.01 -9.21 -42.23
C THR B 380 7.22 -8.10 -43.28
N GLY B 381 8.15 -8.34 -44.21
CA GLY B 381 8.51 -7.36 -45.23
C GLY B 381 7.44 -7.18 -46.29
N SER C 1 -37.54 -21.43 -18.73
CA SER C 1 -37.28 -22.85 -18.32
C SER C 1 -36.43 -23.01 -17.05
N VAL C 2 -36.58 -22.08 -16.10
CA VAL C 2 -35.68 -21.96 -14.94
C VAL C 2 -36.45 -22.00 -13.63
N LYS C 3 -35.91 -22.74 -12.66
CA LYS C 3 -36.50 -22.83 -11.33
C LYS C 3 -36.20 -21.54 -10.55
N ALA C 4 -37.12 -20.58 -10.67
CA ALA C 4 -36.94 -19.23 -10.12
C ALA C 4 -37.45 -19.13 -8.68
N GLY C 5 -36.52 -19.09 -7.73
CA GLY C 5 -36.83 -19.01 -6.30
C GLY C 5 -36.77 -17.60 -5.74
N SER C 6 -37.17 -17.48 -4.48
CA SER C 6 -37.23 -16.20 -3.77
C SER C 6 -36.37 -16.24 -2.51
N ALA C 7 -36.22 -15.07 -1.87
CA ALA C 7 -35.46 -14.91 -0.63
C ALA C 7 -35.86 -15.87 0.49
N GLU C 8 -37.16 -16.09 0.64
CA GLU C 8 -37.71 -16.99 1.67
C GLU C 8 -37.36 -18.46 1.40
N ASP C 9 -37.57 -18.88 0.15
CA ASP C 9 -37.34 -20.27 -0.26
C ASP C 9 -35.84 -20.62 -0.25
N ALA C 10 -35.02 -19.68 -0.71
CA ALA C 10 -33.56 -19.83 -0.69
C ALA C 10 -32.93 -19.83 0.71
N ALA C 11 -33.61 -19.22 1.69
CA ALA C 11 -33.04 -19.03 3.02
C ALA C 11 -32.91 -20.33 3.81
N PHE C 12 -34.03 -21.04 3.99
CA PHE C 12 -34.06 -22.25 4.81
C PHE C 12 -33.35 -23.47 4.20
N ILE C 13 -33.14 -23.45 2.88
CA ILE C 13 -32.26 -24.42 2.20
C ILE C 13 -30.86 -24.42 2.82
N MET C 14 -30.35 -23.24 3.15
CA MET C 14 -29.03 -23.07 3.75
C MET C 14 -28.99 -23.20 5.28
N LYS C 15 -30.15 -23.07 5.93
CA LYS C 15 -30.24 -23.20 7.40
C LYS C 15 -29.86 -24.58 7.95
N ASN C 16 -30.29 -25.65 7.26
CA ASN C 16 -29.86 -27.01 7.61
C ASN C 16 -30.03 -28.08 6.48
N ALA C 17 -28.99 -28.49 5.74
CA ALA C 17 -27.67 -27.83 5.49
C ALA C 17 -26.54 -27.91 6.54
N SER C 18 -25.53 -28.74 6.26
CA SER C 18 -24.35 -28.90 7.14
C SER C 18 -23.10 -28.16 6.67
N LYS C 19 -22.94 -27.99 5.36
CA LYS C 19 -21.76 -27.34 4.78
C LYS C 19 -22.16 -26.43 3.60
N VAL C 20 -21.64 -25.21 3.60
CA VAL C 20 -21.97 -24.15 2.65
C VAL C 20 -20.67 -23.59 2.06
N ILE C 21 -20.57 -23.53 0.72
CA ILE C 21 -19.48 -22.83 0.06
C ILE C 21 -20.03 -21.59 -0.64
N ILE C 22 -19.57 -20.42 -0.18
CA ILE C 22 -19.92 -19.13 -0.77
C ILE C 22 -19.01 -18.87 -1.97
N VAL C 23 -19.61 -18.61 -3.12
CA VAL C 23 -18.87 -18.37 -4.36
C VAL C 23 -19.22 -16.97 -4.85
N PRO C 24 -18.44 -15.95 -4.43
CA PRO C 24 -18.75 -14.60 -4.85
C PRO C 24 -18.13 -14.22 -6.20
N GLY C 25 -18.76 -13.28 -6.90
CA GLY C 25 -18.28 -12.78 -8.21
C GLY C 25 -18.60 -11.32 -8.40
N TYR C 26 -18.53 -10.86 -9.65
CA TYR C 26 -18.69 -9.44 -10.00
C TYR C 26 -19.97 -8.78 -9.50
N GLY C 27 -21.09 -9.50 -9.55
CA GLY C 27 -22.37 -9.01 -9.05
C GLY C 27 -22.39 -8.71 -7.55
N MET C 28 -21.57 -9.43 -6.79
CA MET C 28 -21.38 -9.16 -5.36
C MET C 28 -20.69 -7.79 -5.17
N ALA C 29 -19.70 -7.52 -6.01
CA ALA C 29 -18.98 -6.25 -6.00
C ALA C 29 -19.85 -5.10 -6.48
N VAL C 30 -20.54 -5.29 -7.61
CA VAL C 30 -21.47 -4.28 -8.15
C VAL C 30 -22.52 -3.85 -7.12
N ALA C 31 -23.13 -4.82 -6.45
CA ALA C 31 -24.13 -4.55 -5.41
C ALA C 31 -23.55 -4.07 -4.07
N GLN C 32 -22.25 -4.28 -3.86
CA GLN C 32 -21.58 -4.05 -2.57
C GLN C 32 -22.25 -4.86 -1.46
N ALA C 33 -22.42 -6.15 -1.73
CA ALA C 33 -23.21 -7.06 -0.90
C ALA C 33 -22.40 -7.81 0.15
N GLN C 34 -21.22 -7.30 0.51
CA GLN C 34 -20.18 -8.10 1.17
C GLN C 34 -20.27 -8.03 2.70
N HIS C 35 -20.79 -6.92 3.22
CA HIS C 35 -21.08 -6.79 4.64
C HIS C 35 -22.29 -7.66 4.98
N ALA C 36 -23.31 -7.61 4.12
CA ALA C 36 -24.48 -8.48 4.23
C ALA C 36 -24.17 -9.98 3.99
N LEU C 37 -23.13 -10.26 3.21
CA LEU C 37 -22.70 -11.64 2.97
C LEU C 37 -21.99 -12.25 4.18
N ARG C 38 -21.09 -11.49 4.80
CA ARG C 38 -20.41 -11.94 6.02
C ARG C 38 -21.37 -12.02 7.20
N GLU C 39 -22.38 -11.13 7.23
CA GLU C 39 -23.48 -11.24 8.19
C GLU C 39 -24.12 -12.61 8.09
N MET C 40 -24.56 -12.96 6.88
CA MET C 40 -25.15 -14.27 6.60
C MET C 40 -24.22 -15.42 7.00
N ALA C 41 -22.93 -15.29 6.64
CA ALA C 41 -21.92 -16.28 7.03
C ALA C 41 -21.82 -16.48 8.53
N ASP C 42 -21.91 -15.39 9.30
CA ASP C 42 -21.91 -15.45 10.77
C ASP C 42 -23.20 -16.06 11.34
N VAL C 43 -24.33 -15.87 10.65
CA VAL C 43 -25.59 -16.51 11.03
C VAL C 43 -25.56 -18.02 10.77
N LEU C 44 -24.94 -18.42 9.66
CA LEU C 44 -24.69 -19.85 9.40
C LEU C 44 -23.70 -20.45 10.41
N LYS C 45 -22.56 -19.78 10.59
CA LYS C 45 -21.48 -20.27 11.47
C LYS C 45 -21.87 -20.46 12.93
N LYS C 46 -22.64 -19.52 13.48
CA LYS C 46 -23.04 -19.58 14.90
C LYS C 46 -24.00 -20.74 15.20
N GLU C 47 -24.85 -21.08 14.24
CA GLU C 47 -25.72 -22.26 14.31
C GLU C 47 -24.95 -23.58 14.25
N GLY C 48 -23.76 -23.56 13.63
CA GLY C 48 -22.89 -24.75 13.51
C GLY C 48 -22.55 -25.21 12.09
N VAL C 49 -23.04 -24.48 11.09
CA VAL C 49 -22.80 -24.82 9.68
C VAL C 49 -21.36 -24.42 9.30
N GLU C 50 -20.70 -25.27 8.49
CA GLU C 50 -19.36 -24.96 7.98
C GLU C 50 -19.46 -23.99 6.80
N VAL C 51 -18.80 -22.84 6.93
CA VAL C 51 -18.78 -21.80 5.90
C VAL C 51 -17.36 -21.61 5.37
N SER C 52 -17.22 -21.60 4.05
CA SER C 52 -15.97 -21.24 3.39
C SER C 52 -16.27 -20.44 2.13
N TYR C 53 -15.26 -19.69 1.67
CA TYR C 53 -15.36 -18.87 0.47
C TYR C 53 -14.44 -19.43 -0.61
N ALA C 54 -14.99 -19.66 -1.81
CA ALA C 54 -14.24 -20.14 -2.97
C ALA C 54 -14.02 -19.00 -3.96
N ILE C 55 -12.77 -18.58 -4.11
CA ILE C 55 -12.41 -17.44 -4.96
C ILE C 55 -11.75 -17.89 -6.26
N HIS C 56 -12.39 -17.58 -7.38
CA HIS C 56 -11.85 -17.88 -8.70
C HIS C 56 -10.78 -16.84 -9.05
N PRO C 57 -9.65 -17.26 -9.68
CA PRO C 57 -8.56 -16.35 -10.06
C PRO C 57 -8.98 -15.05 -10.77
N VAL C 58 -10.01 -15.14 -11.62
CA VAL C 58 -10.57 -13.98 -12.34
C VAL C 58 -12.02 -13.66 -11.94
N ALA C 59 -12.38 -13.88 -10.67
CA ALA C 59 -13.67 -13.41 -10.16
C ALA C 59 -13.67 -11.87 -10.12
N GLY C 60 -14.83 -11.27 -10.37
CA GLY C 60 -14.94 -9.82 -10.47
C GLY C 60 -14.40 -9.29 -11.78
N ARG C 61 -13.81 -8.10 -11.74
CA ARG C 61 -13.19 -7.44 -12.91
C ARG C 61 -11.73 -7.00 -12.74
N MET C 62 -11.09 -7.33 -11.62
CA MET C 62 -9.67 -7.06 -11.40
C MET C 62 -9.03 -8.17 -10.58
N PRO C 63 -7.70 -8.33 -10.67
CA PRO C 63 -7.03 -9.23 -9.72
C PRO C 63 -7.25 -8.83 -8.26
N GLY C 64 -7.70 -9.78 -7.44
CA GLY C 64 -8.01 -9.54 -6.04
C GLY C 64 -9.25 -8.70 -5.75
N HIS C 65 -10.21 -8.70 -6.67
CA HIS C 65 -11.46 -7.93 -6.53
C HIS C 65 -12.27 -8.43 -5.34
N MET C 66 -12.46 -9.74 -5.24
CA MET C 66 -13.22 -10.32 -4.14
C MET C 66 -12.46 -10.19 -2.82
N ASN C 67 -11.13 -10.31 -2.88
CA ASN C 67 -10.28 -10.22 -1.69
C ASN C 67 -10.36 -8.90 -0.93
N VAL C 68 -10.31 -7.78 -1.65
CA VAL C 68 -10.39 -6.45 -1.02
C VAL C 68 -11.75 -6.16 -0.39
N LEU C 69 -12.82 -6.58 -1.05
CA LEU C 69 -14.18 -6.35 -0.57
C LEU C 69 -14.53 -7.25 0.61
N LEU C 70 -14.06 -8.50 0.58
CA LEU C 70 -14.18 -9.39 1.73
C LEU C 70 -13.30 -8.96 2.92
N ALA C 71 -12.12 -8.42 2.63
CA ALA C 71 -11.24 -7.84 3.66
C ALA C 71 -11.87 -6.61 4.33
N GLU C 72 -12.53 -5.77 3.53
CA GLU C 72 -13.31 -4.63 4.01
C GLU C 72 -14.43 -5.08 4.95
N ALA C 73 -15.17 -6.10 4.53
CA ALA C 73 -16.25 -6.67 5.33
C ALA C 73 -15.79 -7.59 6.48
N ASN C 74 -14.48 -7.70 6.71
CA ASN C 74 -13.89 -8.42 7.84
C ASN C 74 -14.11 -9.93 7.81
N VAL C 75 -14.15 -10.54 6.62
CA VAL C 75 -14.19 -12.00 6.54
C VAL C 75 -12.72 -12.42 6.72
N PRO C 76 -12.45 -13.45 7.55
CA PRO C 76 -11.04 -13.70 7.85
C PRO C 76 -10.38 -14.54 6.76
N TYR C 77 -9.06 -14.39 6.62
CA TYR C 77 -8.31 -15.10 5.57
C TYR C 77 -8.37 -16.63 5.68
N ASP C 78 -8.45 -17.15 6.91
CA ASP C 78 -8.49 -18.61 7.13
C ASP C 78 -9.75 -19.33 6.58
N GLU C 79 -10.80 -18.56 6.23
CA GLU C 79 -12.01 -19.08 5.58
C GLU C 79 -12.04 -18.90 4.07
N VAL C 80 -11.08 -18.17 3.50
CA VAL C 80 -11.06 -17.85 2.07
C VAL C 80 -10.01 -18.72 1.36
N PHE C 81 -10.42 -19.31 0.23
CA PHE C 81 -9.60 -20.30 -0.48
C PHE C 81 -9.57 -20.06 -2.00
N GLU C 82 -8.44 -20.39 -2.62
CA GLU C 82 -8.26 -20.32 -4.08
C GLU C 82 -8.82 -21.57 -4.76
N LEU C 83 -9.03 -21.47 -6.08
CA LEU C 83 -9.71 -22.50 -6.87
C LEU C 83 -9.14 -23.91 -6.71
N GLU C 84 -7.83 -24.03 -6.90
CA GLU C 84 -7.13 -25.31 -6.79
C GLU C 84 -7.14 -25.90 -5.38
N GLU C 85 -7.28 -25.04 -4.37
CA GLU C 85 -7.36 -25.46 -2.96
C GLU C 85 -8.75 -26.00 -2.58
N ILE C 86 -9.81 -25.40 -3.12
CA ILE C 86 -11.19 -25.63 -2.68
C ILE C 86 -12.07 -26.50 -3.62
N ASN C 87 -11.63 -26.72 -4.87
CA ASN C 87 -12.45 -27.45 -5.87
C ASN C 87 -12.93 -28.86 -5.49
N SER C 88 -12.13 -29.57 -4.70
CA SER C 88 -12.50 -30.89 -4.20
C SER C 88 -13.68 -30.86 -3.22
N SER C 89 -13.79 -29.78 -2.45
CA SER C 89 -14.74 -29.70 -1.34
C SER C 89 -16.22 -29.54 -1.76
N PHE C 90 -16.48 -29.17 -3.00
CA PHE C 90 -17.87 -29.02 -3.49
C PHE C 90 -18.67 -30.32 -3.45
N GLN C 91 -17.98 -31.45 -3.66
CA GLN C 91 -18.57 -32.79 -3.50
C GLN C 91 -19.14 -33.03 -2.10
N THR C 92 -18.51 -32.48 -1.07
CA THR C 92 -18.95 -32.60 0.33
C THR C 92 -19.92 -31.49 0.78
N ALA C 93 -19.98 -30.39 0.04
CA ALA C 93 -20.86 -29.27 0.38
C ALA C 93 -22.31 -29.54 -0.01
N ASP C 94 -23.24 -29.12 0.84
CA ASP C 94 -24.67 -29.27 0.58
C ASP C 94 -25.18 -28.24 -0.43
N VAL C 95 -24.71 -26.99 -0.26
CA VAL C 95 -25.12 -25.89 -1.12
C VAL C 95 -23.91 -25.10 -1.67
N ALA C 96 -24.05 -24.61 -2.90
CA ALA C 96 -23.09 -23.69 -3.51
C ALA C 96 -23.78 -22.33 -3.68
N PHE C 97 -23.57 -21.46 -2.69
CA PHE C 97 -24.16 -20.13 -2.70
C PHE C 97 -23.40 -19.20 -3.65
N VAL C 98 -23.86 -19.15 -4.91
CA VAL C 98 -23.22 -18.35 -5.95
C VAL C 98 -23.82 -16.94 -5.95
N ILE C 99 -23.07 -15.98 -5.41
CA ILE C 99 -23.53 -14.60 -5.24
C ILE C 99 -22.83 -13.67 -6.25
N GLY C 100 -23.53 -13.35 -7.34
CA GLY C 100 -22.98 -12.49 -8.39
C GLY C 100 -21.86 -13.07 -9.25
N ALA C 101 -21.68 -14.39 -9.22
CA ALA C 101 -20.74 -15.07 -10.12
C ALA C 101 -21.51 -15.89 -11.15
N ASN C 102 -20.88 -16.16 -12.29
CA ASN C 102 -21.53 -16.82 -13.42
C ASN C 102 -20.52 -17.51 -14.35
N ASP C 103 -19.71 -16.73 -15.06
CA ASP C 103 -18.65 -17.27 -15.94
C ASP C 103 -17.72 -18.20 -15.16
N VAL C 104 -17.37 -17.74 -13.95
CA VAL C 104 -16.61 -18.50 -12.94
C VAL C 104 -17.10 -19.93 -12.64
N THR C 105 -18.40 -20.20 -12.81
CA THR C 105 -19.01 -21.51 -12.54
C THR C 105 -19.39 -22.32 -13.79
N ASN C 106 -19.26 -21.72 -14.97
CA ASN C 106 -19.86 -22.26 -16.20
C ASN C 106 -19.12 -23.50 -16.73
N PRO C 107 -19.80 -24.68 -16.76
CA PRO C 107 -19.13 -25.92 -17.18
C PRO C 107 -18.90 -26.09 -18.69
N ALA C 108 -19.43 -25.17 -19.51
CA ALA C 108 -19.07 -25.05 -20.93
C ALA C 108 -17.58 -24.75 -21.14
N ALA C 109 -16.94 -24.18 -20.11
CA ALA C 109 -15.49 -24.01 -20.06
C ALA C 109 -14.67 -25.31 -20.22
N LYS C 110 -15.22 -26.44 -19.78
CA LYS C 110 -14.60 -27.76 -20.02
C LYS C 110 -15.39 -28.70 -20.94
N THR C 111 -16.65 -28.37 -21.23
CA THR C 111 -17.52 -29.21 -22.06
C THR C 111 -17.48 -28.78 -23.52
N ASP C 112 -17.91 -27.54 -23.78
CA ASP C 112 -18.12 -27.04 -25.16
C ASP C 112 -16.85 -26.41 -25.75
N PRO C 113 -16.22 -27.05 -26.77
CA PRO C 113 -15.05 -26.43 -27.40
C PRO C 113 -15.31 -25.17 -28.23
N SER C 114 -16.55 -24.96 -28.69
CA SER C 114 -16.89 -23.79 -29.51
C SER C 114 -16.92 -22.46 -28.74
N SER C 115 -17.10 -22.52 -27.42
CA SER C 115 -17.34 -21.31 -26.61
C SER C 115 -16.08 -20.46 -26.44
N PRO C 116 -16.25 -19.16 -26.16
CA PRO C 116 -15.10 -18.30 -25.82
C PRO C 116 -14.49 -18.60 -24.45
N ILE C 117 -15.28 -19.17 -23.54
CA ILE C 117 -14.85 -19.51 -22.19
C ILE C 117 -14.11 -20.86 -22.09
N TYR C 118 -13.99 -21.60 -23.20
CA TYR C 118 -13.40 -22.94 -23.21
C TYR C 118 -11.92 -22.99 -22.81
N GLY C 119 -11.60 -23.87 -21.85
CA GLY C 119 -10.24 -24.08 -21.36
C GLY C 119 -9.82 -23.27 -20.15
N MET C 120 -10.63 -22.26 -19.78
CA MET C 120 -10.48 -21.56 -18.51
C MET C 120 -10.90 -22.51 -17.39
N PRO C 121 -10.05 -22.69 -16.35
CA PRO C 121 -10.52 -23.48 -15.20
C PRO C 121 -11.66 -22.80 -14.45
N ILE C 122 -12.57 -23.61 -13.89
CA ILE C 122 -13.77 -23.10 -13.21
C ILE C 122 -13.96 -23.77 -11.86
N LEU C 123 -14.79 -23.15 -11.03
CA LEU C 123 -15.19 -23.74 -9.75
C LEU C 123 -16.29 -24.78 -10.01
N ASP C 124 -16.12 -25.98 -9.45
CA ASP C 124 -17.05 -27.09 -9.70
C ASP C 124 -18.27 -27.04 -8.77
N VAL C 125 -19.09 -25.99 -8.93
CA VAL C 125 -20.24 -25.75 -8.05
C VAL C 125 -21.36 -26.78 -8.24
N GLU C 126 -21.50 -27.29 -9.47
CA GLU C 126 -22.47 -28.35 -9.82
C GLU C 126 -22.39 -29.62 -8.94
N LYS C 127 -21.20 -29.96 -8.46
CA LYS C 127 -21.00 -31.12 -7.59
C LYS C 127 -21.63 -30.97 -6.18
N ALA C 128 -21.96 -29.74 -5.78
CA ALA C 128 -22.76 -29.52 -4.58
C ALA C 128 -24.21 -29.98 -4.78
N GLY C 129 -24.88 -30.29 -3.67
CA GLY C 129 -26.26 -30.78 -3.69
C GLY C 129 -27.24 -29.84 -4.36
N THR C 130 -27.17 -28.55 -3.99
CA THR C 130 -27.97 -27.50 -4.65
C THR C 130 -27.08 -26.30 -4.99
N VAL C 131 -27.42 -25.59 -6.07
CA VAL C 131 -26.69 -24.40 -6.50
C VAL C 131 -27.62 -23.18 -6.46
N LEU C 132 -27.38 -22.28 -5.50
CA LEU C 132 -28.15 -21.04 -5.37
C LEU C 132 -27.42 -19.90 -6.09
N PHE C 133 -27.93 -19.51 -7.26
CA PHE C 133 -27.46 -18.30 -7.96
C PHE C 133 -28.25 -17.09 -7.45
N ILE C 134 -27.55 -16.01 -7.10
CA ILE C 134 -28.16 -14.68 -6.97
C ILE C 134 -27.67 -13.82 -8.12
N LYS C 135 -28.61 -13.17 -8.79
CA LYS C 135 -28.39 -12.55 -10.10
C LYS C 135 -29.71 -11.86 -10.46
N ARG C 136 -29.65 -10.64 -10.98
CA ARG C 136 -30.86 -9.83 -11.18
C ARG C 136 -31.81 -10.38 -12.26
N SER C 137 -31.24 -10.85 -13.38
CA SER C 137 -32.02 -11.27 -14.54
C SER C 137 -31.41 -12.53 -15.17
N MET C 138 -31.83 -12.87 -16.40
CA MET C 138 -31.25 -13.99 -17.16
C MET C 138 -30.12 -13.57 -18.13
N ALA C 139 -29.64 -12.34 -18.02
CA ALA C 139 -28.57 -11.85 -18.89
C ALA C 139 -27.25 -12.60 -18.67
N SER C 140 -26.36 -12.50 -19.65
CA SER C 140 -25.08 -13.20 -19.59
C SER C 140 -24.10 -12.48 -18.67
N GLY C 141 -22.96 -13.13 -18.44
CA GLY C 141 -21.83 -12.52 -17.74
C GLY C 141 -20.98 -11.73 -18.71
N TYR C 142 -19.69 -11.60 -18.38
CA TYR C 142 -18.72 -10.91 -19.24
C TYR C 142 -18.54 -11.61 -20.59
N ALA C 143 -18.46 -12.94 -20.56
CA ALA C 143 -18.24 -13.74 -21.78
C ALA C 143 -19.41 -13.76 -22.77
N GLY C 144 -20.60 -13.39 -22.31
CA GLY C 144 -21.76 -13.25 -23.20
C GLY C 144 -22.50 -14.55 -23.50
N VAL C 145 -22.20 -15.62 -22.75
CA VAL C 145 -22.74 -16.95 -23.01
C VAL C 145 -23.78 -17.35 -21.97
N GLU C 146 -24.65 -18.28 -22.37
CA GLU C 146 -25.59 -18.90 -21.43
C GLU C 146 -24.85 -19.85 -20.50
N ASN C 147 -25.35 -19.96 -19.26
CA ASN C 147 -24.88 -20.97 -18.31
C ASN C 147 -25.93 -22.08 -18.29
N GLU C 148 -25.53 -23.29 -18.63
CA GLU C 148 -26.42 -24.46 -18.60
C GLU C 148 -26.83 -24.85 -17.18
N LEU C 149 -26.04 -24.44 -16.18
CA LEU C 149 -26.41 -24.61 -14.77
C LEU C 149 -27.70 -23.90 -14.37
N PHE C 150 -28.03 -22.78 -15.02
CA PHE C 150 -29.26 -22.02 -14.69
C PHE C 150 -30.53 -22.86 -14.72
N PHE C 151 -30.65 -23.75 -15.72
CA PHE C 151 -31.86 -24.54 -15.96
C PHE C 151 -31.58 -26.04 -15.88
N ARG C 152 -31.13 -26.49 -14.71
CA ARG C 152 -31.09 -27.93 -14.39
C ARG C 152 -31.45 -28.19 -12.92
N ASN C 153 -32.55 -28.92 -12.73
CA ASN C 153 -33.05 -29.46 -11.44
C ASN C 153 -32.38 -29.05 -10.11
N ASN C 154 -31.07 -29.29 -9.99
CA ASN C 154 -30.33 -28.93 -8.77
C ASN C 154 -30.07 -27.42 -8.54
N THR C 155 -30.37 -26.58 -9.55
CA THR C 155 -30.15 -25.14 -9.45
C THR C 155 -31.43 -24.40 -9.06
N MET C 156 -31.25 -23.27 -8.37
CA MET C 156 -32.32 -22.35 -7.97
C MET C 156 -31.89 -20.92 -8.31
N MET C 157 -32.72 -20.19 -9.06
CA MET C 157 -32.40 -18.83 -9.53
C MET C 157 -33.10 -17.76 -8.70
N LEU C 158 -32.32 -16.90 -8.05
CA LEU C 158 -32.84 -15.85 -7.16
C LEU C 158 -32.74 -14.50 -7.88
N PHE C 159 -33.84 -14.09 -8.52
CA PHE C 159 -33.87 -12.85 -9.32
C PHE C 159 -33.95 -11.61 -8.45
N GLY C 160 -32.80 -11.01 -8.17
CA GLY C 160 -32.75 -9.78 -7.40
C GLY C 160 -31.36 -9.18 -7.31
N ASP C 161 -31.29 -8.02 -6.66
CA ASP C 161 -30.02 -7.35 -6.38
C ASP C 161 -29.32 -8.13 -5.27
N ALA C 162 -28.01 -8.35 -5.41
CA ALA C 162 -27.26 -9.24 -4.51
C ALA C 162 -27.23 -8.79 -3.04
N LYS C 163 -27.12 -7.48 -2.83
CA LYS C 163 -27.17 -6.91 -1.48
C LYS C 163 -28.59 -7.00 -0.91
N LYS C 164 -29.58 -6.66 -1.75
CA LYS C 164 -30.99 -6.71 -1.36
C LYS C 164 -31.41 -8.14 -1.04
N MET C 165 -31.14 -9.08 -1.95
CA MET C 165 -31.41 -10.51 -1.72
C MET C 165 -30.73 -11.04 -0.48
N THR C 166 -29.42 -10.81 -0.35
CA THR C 166 -28.66 -11.34 0.79
C THR C 166 -29.20 -10.77 2.11
N GLU C 167 -29.50 -9.47 2.13
CA GLU C 167 -30.18 -8.86 3.28
C GLU C 167 -31.53 -9.51 3.54
N GLN C 168 -32.30 -9.75 2.48
CA GLN C 168 -33.58 -10.47 2.57
C GLN C 168 -33.43 -11.96 2.96
N ILE C 169 -32.34 -12.60 2.53
CA ILE C 169 -32.01 -13.97 2.96
C ILE C 169 -31.68 -14.00 4.47
N VAL C 170 -30.96 -12.98 4.96
CA VAL C 170 -30.64 -12.85 6.39
C VAL C 170 -31.88 -12.64 7.28
N GLN C 171 -32.98 -12.12 6.73
CA GLN C 171 -34.24 -11.93 7.48
C GLN C 171 -34.77 -13.25 8.02
N ALA C 172 -34.96 -14.21 7.12
CA ALA C 172 -35.61 -15.49 7.43
C ALA C 172 -34.83 -16.41 8.39
N MET C 173 -33.53 -16.13 8.59
CA MET C 173 -32.70 -16.88 9.53
C MET C 173 -32.87 -16.33 10.95
PA NAD D . 5.63 4.73 24.88
O1A NAD D . 5.89 5.68 23.78
O2A NAD D . 6.36 5.15 26.10
O5B NAD D . 6.10 3.24 24.46
C5B NAD D . 5.39 2.46 23.53
C4B NAD D . 5.09 1.06 24.04
O4B NAD D . 6.27 0.31 24.20
C3B NAD D . 4.37 1.01 25.40
O3B NAD D . 3.09 0.48 25.22
C2B NAD D . 5.26 0.12 26.25
O2B NAD D . 4.52 -0.72 27.09
C1B NAD D . 6.05 -0.66 25.19
N9A NAD D . 7.30 -1.29 25.66
C8A NAD D . 8.27 -0.75 26.46
N7A NAD D . 9.23 -1.67 26.65
C5A NAD D . 8.90 -2.79 25.98
C6A NAD D . 9.52 -4.04 25.85
N6A NAD D . 10.56 -4.32 26.64
N1A NAD D . 8.93 -5.02 25.10
C2A NAD D . 7.71 -4.78 24.47
N3A NAD D . 7.10 -3.56 24.62
C4A NAD D . 7.68 -2.58 25.36
O3 NAD D . 4.05 4.55 25.17
PN NAD D . 2.90 5.61 24.78
O1N NAD D . 2.65 5.54 23.32
O2N NAD D . 3.25 6.92 25.36
O5D NAD D . 1.59 5.04 25.53
C5D NAD D . 1.61 4.17 26.64
C4D NAD D . 0.30 4.22 27.43
O4D NAD D . 0.22 5.47 28.12
C3D NAD D . -0.95 4.08 26.58
O3D NAD D . -1.85 3.17 27.16
C2D NAD D . -1.54 5.47 26.56
O2D NAD D . -2.96 5.47 26.51
C1D NAD D . -1.03 6.09 27.85
N1N NAD D . -0.91 7.56 27.74
C2N NAD D . -1.76 8.37 28.45
C3N NAD D . -1.66 9.76 28.36
C7N NAD D . -2.65 10.63 29.08
O7N NAD D . -3.47 10.07 30.08
N7N NAD D . -2.76 11.93 28.79
C4N NAD D . -0.68 10.32 27.52
C5N NAD D . 0.16 9.48 26.80
C6N NAD D . 0.05 8.10 26.92
PA NAD E . -4.59 0.03 -20.81
O1A NAD E . -3.35 0.83 -20.73
O2A NAD E . -5.14 0.00 -22.18
O5B NAD E . -5.64 0.71 -19.80
C5B NAD E . -5.79 2.11 -19.90
C4B NAD E . -7.19 2.56 -19.54
O4B NAD E . -7.23 3.97 -19.75
C3B NAD E . -8.26 1.93 -20.43
O3B NAD E . -9.30 1.41 -19.64
C2B NAD E . -8.75 3.07 -21.31
O2B NAD E . -10.15 3.04 -21.50
C1B NAD E . -8.31 4.33 -20.57
N9A NAD E . -8.01 5.47 -21.45
C8A NAD E . -7.33 5.48 -22.65
N7A NAD E . -7.29 6.74 -23.12
C5A NAD E . -7.93 7.55 -22.24
C6A NAD E . -8.17 8.92 -22.23
N6A NAD E . -7.84 9.67 -23.28
N1A NAD E . -8.86 9.49 -21.17
C2A NAD E . -9.31 8.68 -20.14
N3A NAD E . -9.06 7.33 -20.15
C4A NAD E . -8.38 6.76 -21.19
O3 NAD E . -4.25 -1.44 -20.26
PN NAD E . -5.26 -2.39 -19.46
O1N NAD E . -4.67 -3.75 -19.46
O2N NAD E . -5.53 -1.76 -18.16
O5D NAD E . -6.59 -2.42 -20.38
C5D NAD E . -6.56 -3.05 -21.63
C4D NAD E . -7.08 -4.50 -21.55
O4D NAD E . -7.30 -4.89 -20.20
C3D NAD E . -8.39 -4.74 -22.30
O3D NAD E . -8.15 -5.31 -23.57
C2D NAD E . -9.19 -5.67 -21.41
O2D NAD E . -9.21 -6.98 -21.93
C1D NAD E . -8.48 -5.66 -20.06
N1N NAD E . -9.36 -5.07 -19.02
C1 GOL F . 10.13 -1.68 -18.50
O1 GOL F . 10.04 -0.29 -18.27
C2 GOL F . 8.77 -2.35 -18.36
O2 GOL F . 8.34 -2.31 -17.01
C3 GOL F . 8.85 -3.81 -18.78
O3 GOL F . 8.69 -4.01 -20.16
O2N TXP G . -17.16 -12.97 -11.35
PN TXP G . -17.77 -13.54 -12.61
O1N TXP G . -18.44 -14.90 -12.49
O5'A TXP G . -16.64 -13.67 -13.74
C5'A TXP G . -15.90 -12.53 -14.17
C4'A TXP G . -15.68 -12.52 -15.67
C3'A TXP G . -14.84 -13.66 -16.19
O3'A TXP G . -15.35 -14.13 -17.44
C2'A TXP G . -13.45 -13.07 -16.39
O2'A TXP G . -12.72 -13.71 -17.44
C1'A TXP G . -13.79 -11.61 -16.71
N1N TXP G . -12.69 -10.69 -16.38
C6N TXP G . -12.24 -9.89 -17.53
C5N TXP G . -11.52 -8.65 -17.03
C4N TXP G . -10.47 -9.00 -15.98
C3N TXP G . -11.08 -9.89 -14.93
C7N TXP G . -10.41 -10.01 -13.63
O7N TXP G . -9.16 -9.57 -13.49
N7N TXP G . -11.04 -10.55 -12.59
C2N TXP G . -12.19 -10.61 -15.20
O4'A TXP G . -14.98 -11.31 -15.97
O3 TXP G . -18.81 -12.44 -13.22
PA TXP G . -19.59 -12.58 -14.63
O1A TXP G . -19.66 -14.03 -15.00
O2A TXP G . -19.08 -11.63 -15.68
O5' TXP G . -21.08 -12.08 -14.31
C5' TXP G . -21.58 -11.97 -12.99
C4' TXP G . -23.09 -11.71 -12.97
C3' TXP G . -23.68 -11.10 -14.24
O3' TXP G . -24.10 -12.12 -15.16
O4' TXP G . -23.41 -10.78 -11.94
C1' TXP G . -24.70 -10.24 -12.24
C2' TXP G . -24.84 -10.22 -13.77
O2' TXP G . -26.10 -10.74 -14.20
P2 TXP G . -27.50 -9.93 -14.09
OP3 TXP G . -27.20 -8.60 -14.72
OP2 TXP G . -27.83 -9.90 -12.61
OP1 TXP G . -28.48 -10.75 -14.89
N9A TXP G . -24.89 -8.91 -11.58
C4A TXP G . -25.52 -8.77 -10.40
N3A TXP G . -26.09 -9.66 -9.55
C2A TXP G . -26.67 -9.24 -8.42
N1A TXP G . -26.69 -7.93 -8.09
C6A TXP G . -26.12 -7.01 -8.90
N6A TXP G . -26.14 -5.70 -8.58
C5A TXP G . -25.53 -7.43 -10.08
N7A TXP G . -24.89 -6.78 -11.09
C8A TXP G . -24.51 -7.70 -12.00
#